data_7LJI
#
_entry.id   7LJI
#
_cell.length_a   48.670
_cell.length_b   147.870
_cell.length_c   197.140
_cell.angle_alpha   90.000
_cell.angle_beta   90.000
_cell.angle_gamma   90.000
#
_symmetry.space_group_name_H-M   'P 21 21 21'
#
loop_
_entity.id
_entity.type
_entity.pdbx_description
1 polymer 'Poly(Aspartic acid) hydrolase'
2 non-polymer 'GADOLINIUM ION'
3 water water
#
_entity_poly.entity_id   1
_entity_poly.type   'polypeptide(L)'
_entity_poly.pdbx_seq_one_letter_code
;MGSSHHHHHHSSGLVPRGSHMAPKAKPEAVLKTKGYEAAVKILDRDHDRMVDEIIKLTEIPAPPFKEAARAAAYAEMLKD
AGLQDVEIDAEGNAMGVYRGTGPAGGPAVMIAAHLDTVFPEGTPIKVRRDGTKLHAPGIGDDTRSLAVLLAYARAMKESG
IKVKQDIIFVGNVGEEGSGDLRGVRYLLTKGKYKDRVKSFFSMDGTDASRIVTGGVGSKRYRITYKGPGGHSYGAFGLVN
PMVAMSQTVVDFYKIPAPAKPKTTYAASVTGGGTSVNSIPNEVYMEFDMRSESPAELAKVEQAFLAIVQKSVEGENAARS
VKEGPITADVKMIGDRPAGETAATQQIVRNADAVIRAKGLDPRPSFSSTDSNMAMSLGIPAVTIGSGGIGARAHSLDEWI
DVKKTKSLEGATVGLGILLATAGTQ
;
_entity_poly.pdbx_strand_id   A,B
#
# COMPACT_ATOMS: atom_id res chain seq x y z
N LYS A 26 19.09 -2.74 48.29
CA LYS A 26 20.05 -2.25 47.30
C LYS A 26 20.62 -3.45 46.52
N PRO A 27 20.40 -3.51 45.19
CA PRO A 27 20.63 -4.78 44.46
C PRO A 27 22.08 -5.27 44.42
N GLU A 28 23.06 -4.37 44.20
CA GLU A 28 24.46 -4.77 44.09
C GLU A 28 25.05 -5.26 45.42
N ALA A 29 24.29 -5.22 46.51
CA ALA A 29 24.73 -5.84 47.75
C ALA A 29 24.96 -7.33 47.57
N VAL A 30 24.31 -7.94 46.56
CA VAL A 30 24.50 -9.36 46.31
C VAL A 30 25.97 -9.66 46.03
N LEU A 31 26.70 -8.69 45.48
CA LEU A 31 28.09 -8.93 45.09
C LEU A 31 29.01 -9.08 46.29
N LYS A 32 28.55 -8.70 47.48
CA LYS A 32 29.33 -8.79 48.71
C LYS A 32 28.85 -9.90 49.62
N THR A 33 27.89 -10.70 49.18
CA THR A 33 27.43 -11.80 50.03
C THR A 33 28.46 -12.92 49.98
N LYS A 34 28.53 -13.68 51.06
CA LYS A 34 29.54 -14.73 51.10
C LYS A 34 29.23 -15.80 50.05
N GLY A 35 27.95 -16.07 49.81
CA GLY A 35 27.57 -17.05 48.79
C GLY A 35 28.05 -16.67 47.40
N TYR A 36 27.82 -15.42 46.99
CA TYR A 36 28.29 -14.98 45.69
C TYR A 36 29.81 -15.12 45.58
N GLU A 37 30.53 -14.63 46.60
CA GLU A 37 31.99 -14.67 46.55
C GLU A 37 32.49 -16.12 46.48
N ALA A 38 31.86 -17.02 47.23
CA ALA A 38 32.22 -18.43 47.14
C ALA A 38 31.91 -19.00 45.77
N ALA A 39 30.77 -18.62 45.18
CA ALA A 39 30.41 -19.12 43.85
C ALA A 39 31.42 -18.67 42.79
N VAL A 40 31.85 -17.42 42.86
CA VAL A 40 32.81 -16.93 41.89
C VAL A 40 34.12 -17.72 41.98
N LYS A 41 34.51 -18.12 43.19
CA LYS A 41 35.74 -18.89 43.31
C LYS A 41 35.64 -20.21 42.58
N ILE A 42 34.46 -20.84 42.56
CA ILE A 42 34.29 -22.06 41.79
C ILE A 42 34.31 -21.76 40.29
N LEU A 43 33.65 -20.67 39.85
CA LEU A 43 33.73 -20.29 38.43
C LEU A 43 35.17 -20.11 37.98
N ASP A 44 36.02 -19.59 38.87
CA ASP A 44 37.45 -19.41 38.61
C ASP A 44 38.17 -20.75 38.49
N ARG A 45 38.06 -21.55 39.55
CA ARG A 45 38.65 -22.89 39.58
C ARG A 45 38.24 -23.69 38.36
N ASP A 46 36.97 -23.63 37.96
CA ASP A 46 36.55 -24.47 36.87
C ASP A 46 36.39 -23.69 35.58
N HIS A 47 37.05 -22.55 35.46
CA HIS A 47 36.98 -21.81 34.20
C HIS A 47 37.44 -22.66 33.04
N ASP A 48 38.44 -23.52 33.28
CA ASP A 48 38.90 -24.40 32.20
C ASP A 48 37.86 -25.42 31.79
N ARG A 49 37.05 -25.92 32.74
CA ARG A 49 35.92 -26.77 32.37
C ARG A 49 34.92 -26.00 31.52
N MET A 50 34.60 -24.77 31.92
CA MET A 50 33.67 -23.97 31.14
C MET A 50 34.16 -23.83 29.70
N VAL A 51 35.46 -23.57 29.51
CA VAL A 51 35.97 -23.41 28.15
C VAL A 51 35.84 -24.72 27.37
N ASP A 52 36.17 -25.85 28.02
CA ASP A 52 35.97 -27.14 27.37
C ASP A 52 34.52 -27.35 26.93
N GLU A 53 33.58 -26.92 27.77
CA GLU A 53 32.17 -27.11 27.44
C GLU A 53 31.71 -26.12 26.38
N ILE A 54 32.29 -24.92 26.32
CA ILE A 54 32.03 -24.07 25.16
C ILE A 54 32.39 -24.82 23.88
N ILE A 55 33.58 -25.40 23.86
CA ILE A 55 34.08 -26.05 22.65
C ILE A 55 33.22 -27.25 22.29
N LYS A 56 32.93 -28.09 23.28
CA LYS A 56 32.13 -29.28 23.04
C LYS A 56 30.77 -28.92 22.44
N LEU A 57 30.09 -27.97 23.06
CA LEU A 57 28.77 -27.58 22.55
C LEU A 57 28.85 -26.89 21.20
N THR A 58 29.86 -26.03 20.99
CA THR A 58 29.95 -25.33 19.72
C THR A 58 30.06 -26.31 18.57
N GLU A 59 30.79 -27.40 18.78
CA GLU A 59 31.04 -28.35 17.72
C GLU A 59 29.89 -29.33 17.52
N ILE A 60 28.80 -29.22 18.29
CA ILE A 60 27.54 -29.90 17.96
C ILE A 60 26.69 -28.87 17.22
N PRO A 61 26.62 -28.93 15.90
CA PRO A 61 25.93 -27.87 15.16
C PRO A 61 24.46 -27.86 15.53
N ALA A 62 23.87 -26.66 15.55
CA ALA A 62 22.44 -26.50 15.86
C ALA A 62 21.86 -25.44 14.95
N PRO A 63 21.73 -25.75 13.65
CA PRO A 63 21.03 -24.86 12.71
C PRO A 63 19.60 -24.63 13.15
N PRO A 64 18.94 -23.61 12.63
CA PRO A 64 17.50 -23.43 12.91
C PRO A 64 16.74 -24.72 12.59
N PHE A 65 15.83 -25.08 13.49
CA PHE A 65 14.96 -26.24 13.47
C PHE A 65 15.72 -27.54 13.65
N LYS A 66 17.03 -27.50 13.86
CA LYS A 66 17.83 -28.70 13.99
C LYS A 66 18.61 -28.71 15.29
N GLU A 67 18.01 -28.19 16.36
CA GLU A 67 18.72 -28.12 17.63
C GLU A 67 18.72 -29.43 18.41
N ALA A 68 18.08 -30.49 17.91
CA ALA A 68 17.80 -31.66 18.76
C ALA A 68 19.09 -32.28 19.32
N ALA A 69 20.11 -32.43 18.49
CA ALA A 69 21.36 -33.02 18.94
C ALA A 69 21.99 -32.18 20.05
N ARG A 70 22.06 -30.86 19.85
CA ARG A 70 22.64 -30.05 20.91
C ARG A 70 21.74 -30.03 22.14
N ALA A 71 20.42 -30.06 21.95
CA ALA A 71 19.54 -30.07 23.10
C ALA A 71 19.76 -31.31 23.94
N ALA A 72 19.92 -32.46 23.31
CA ALA A 72 20.15 -33.68 24.08
C ALA A 72 21.45 -33.59 24.86
N ALA A 73 22.53 -33.10 24.23
CA ALA A 73 23.77 -32.97 24.98
C ALA A 73 23.60 -31.99 26.12
N TYR A 74 22.90 -30.88 25.87
CA TYR A 74 22.73 -29.89 26.92
C TYR A 74 21.92 -30.44 28.08
N ALA A 75 20.87 -31.24 27.80
CA ALA A 75 20.08 -31.81 28.87
C ALA A 75 20.93 -32.72 29.76
N GLU A 76 21.82 -33.50 29.15
CA GLU A 76 22.73 -34.30 29.96
C GLU A 76 23.61 -33.42 30.81
N MET A 77 24.03 -32.28 30.28
CA MET A 77 24.89 -31.42 31.10
C MET A 77 24.11 -30.73 32.20
N LEU A 78 22.85 -30.39 31.94
CA LEU A 78 22.00 -29.86 33.01
C LEU A 78 21.84 -30.86 34.15
N LYS A 79 21.64 -32.14 33.83
CA LYS A 79 21.59 -33.16 34.89
C LYS A 79 22.90 -33.20 35.66
N ASP A 80 24.03 -33.16 34.94
CA ASP A 80 25.34 -33.27 35.57
C ASP A 80 25.64 -32.07 36.44
N ALA A 81 25.03 -30.92 36.17
CA ALA A 81 25.16 -29.76 37.05
C ALA A 81 24.34 -29.88 38.32
N GLY A 82 23.57 -30.95 38.49
CA GLY A 82 22.84 -31.12 39.73
C GLY A 82 21.46 -30.52 39.74
N LEU A 83 20.97 -30.04 38.61
CA LEU A 83 19.63 -29.46 38.56
C LEU A 83 18.55 -30.55 38.63
N GLN A 84 17.36 -30.16 39.05
CA GLN A 84 16.30 -31.15 39.21
C GLN A 84 15.27 -30.99 38.09
N ASP A 85 14.45 -32.03 37.92
CA ASP A 85 13.39 -32.03 36.91
C ASP A 85 13.93 -31.70 35.52
N VAL A 86 15.11 -32.22 35.17
CA VAL A 86 15.69 -31.94 33.86
C VAL A 86 14.89 -32.65 32.78
N GLU A 87 14.52 -31.92 31.74
CA GLU A 87 13.77 -32.54 30.65
C GLU A 87 13.89 -31.67 29.41
N ILE A 88 13.47 -32.25 28.29
CA ILE A 88 13.34 -31.54 27.02
C ILE A 88 11.84 -31.43 26.77
N ASP A 89 11.33 -30.22 26.58
CA ASP A 89 9.88 -30.11 26.44
C ASP A 89 9.45 -30.42 25.01
N ALA A 90 8.15 -30.26 24.75
CA ALA A 90 7.59 -30.67 23.46
C ALA A 90 8.13 -29.85 22.30
N GLU A 91 8.52 -28.60 22.54
CA GLU A 91 9.09 -27.77 21.48
C GLU A 91 10.57 -28.08 21.26
N GLY A 92 11.22 -28.72 22.23
CA GLY A 92 12.64 -29.02 22.11
C GLY A 92 13.54 -28.21 23.01
N ASN A 93 12.98 -27.39 23.90
CA ASN A 93 13.79 -26.70 24.91
C ASN A 93 14.30 -27.68 25.97
N ALA A 94 15.55 -27.50 26.39
CA ALA A 94 16.10 -28.26 27.51
C ALA A 94 16.06 -27.38 28.75
N MET A 95 15.70 -27.95 29.89
CA MET A 95 15.60 -27.12 31.09
C MET A 95 15.80 -27.94 32.34
N GLY A 96 16.20 -27.26 33.41
CA GLY A 96 16.32 -27.86 34.73
C GLY A 96 16.11 -26.79 35.77
N VAL A 97 15.81 -27.22 37.00
CA VAL A 97 15.40 -26.29 38.04
C VAL A 97 16.44 -26.25 39.15
N TYR A 98 16.80 -25.04 39.55
CA TYR A 98 17.52 -24.83 40.80
C TYR A 98 16.49 -24.44 41.85
N ARG A 99 16.20 -25.35 42.77
CA ARG A 99 15.08 -25.18 43.69
C ARG A 99 15.41 -24.13 44.75
N GLY A 100 14.48 -23.22 44.99
CA GLY A 100 14.64 -22.18 45.99
C GLY A 100 14.02 -22.64 47.30
N THR A 101 13.94 -21.70 48.25
CA THR A 101 13.45 -21.99 49.60
C THR A 101 11.98 -21.69 49.79
N GLY A 102 11.30 -21.19 48.78
CA GLY A 102 9.91 -20.86 48.91
C GLY A 102 9.02 -22.06 48.62
N PRO A 103 7.72 -21.83 48.63
CA PRO A 103 6.78 -22.92 48.37
C PRO A 103 6.93 -23.46 46.95
N ALA A 104 6.74 -24.76 46.83
CA ALA A 104 6.73 -25.40 45.51
C ALA A 104 5.67 -24.74 44.63
N GLY A 105 6.00 -24.55 43.35
CA GLY A 105 5.07 -23.95 42.42
C GLY A 105 4.92 -22.45 42.53
N GLY A 106 5.74 -21.78 43.34
CA GLY A 106 5.63 -20.34 43.47
C GLY A 106 6.27 -19.63 42.29
N PRO A 107 6.26 -18.29 42.35
CA PRO A 107 6.88 -17.49 41.29
C PRO A 107 8.36 -17.83 41.12
N ALA A 108 8.81 -17.81 39.86
CA ALA A 108 10.15 -18.29 39.53
C ALA A 108 10.84 -17.31 38.60
N VAL A 109 12.17 -17.45 38.53
CA VAL A 109 12.99 -16.71 37.60
C VAL A 109 13.39 -17.69 36.50
N MET A 110 13.25 -17.28 35.25
CA MET A 110 13.73 -18.11 34.15
C MET A 110 14.93 -17.43 33.54
N ILE A 111 16.00 -18.18 33.34
CA ILE A 111 17.15 -17.64 32.59
C ILE A 111 17.48 -18.61 31.44
N ALA A 112 17.50 -18.10 30.23
CA ALA A 112 17.64 -18.92 29.03
C ALA A 112 18.83 -18.47 28.19
N ALA A 113 19.52 -19.45 27.58
CA ALA A 113 20.45 -19.18 26.48
C ALA A 113 20.03 -20.07 25.32
N HIS A 114 20.08 -19.57 24.10
CA HIS A 114 19.49 -20.35 23.02
C HIS A 114 20.49 -21.35 22.44
N LEU A 115 19.97 -22.53 22.11
CA LEU A 115 20.73 -23.60 21.49
C LEU A 115 21.05 -23.36 20.04
N ASP A 116 20.17 -22.70 19.29
CA ASP A 116 20.36 -22.57 17.85
C ASP A 116 21.41 -21.51 17.53
N THR A 117 22.00 -21.64 16.33
CA THR A 117 22.77 -20.57 15.73
C THR A 117 22.15 -20.21 14.38
N VAL A 118 22.67 -19.13 13.78
CA VAL A 118 22.21 -18.73 12.46
C VAL A 118 22.73 -19.64 11.34
N PHE A 119 23.62 -20.59 11.63
CA PHE A 119 24.40 -21.20 10.54
C PHE A 119 23.69 -22.45 10.01
N PRO A 120 23.51 -22.59 8.71
CA PRO A 120 22.73 -23.70 8.16
C PRO A 120 23.48 -25.02 8.26
N GLU A 121 22.71 -26.10 8.12
CA GLU A 121 23.27 -27.46 8.17
C GLU A 121 24.36 -27.60 7.14
N GLY A 122 25.43 -28.29 7.50
CA GLY A 122 26.54 -28.42 6.59
C GLY A 122 27.62 -27.38 6.76
N THR A 123 27.36 -26.32 7.54
CA THR A 123 28.41 -25.38 7.87
C THR A 123 29.50 -26.13 8.62
N PRO A 124 30.74 -26.16 8.15
CA PRO A 124 31.80 -26.83 8.92
C PRO A 124 32.09 -26.06 10.19
N ILE A 125 32.14 -26.78 11.32
CA ILE A 125 32.30 -26.16 12.63
C ILE A 125 33.35 -26.95 13.41
N LYS A 126 34.55 -26.39 13.51
CA LYS A 126 35.67 -26.95 14.26
C LYS A 126 36.34 -25.77 14.92
N VAL A 127 36.44 -25.79 16.25
CA VAL A 127 37.01 -24.63 16.95
C VAL A 127 38.49 -24.56 16.63
N ARG A 128 38.97 -23.37 16.29
CA ARG A 128 40.39 -23.12 16.05
C ARG A 128 40.95 -22.27 17.19
N ARG A 129 41.94 -22.79 17.91
CA ARG A 129 42.56 -22.01 18.98
C ARG A 129 43.63 -21.11 18.38
N ASP A 130 43.73 -19.88 18.92
CA ASP A 130 44.57 -18.83 18.35
C ASP A 130 44.99 -17.93 19.51
N GLY A 131 46.08 -18.29 20.16
CA GLY A 131 46.41 -17.61 21.41
C GLY A 131 45.34 -17.95 22.42
N THR A 132 44.65 -16.94 22.97
CA THR A 132 43.53 -17.19 23.88
C THR A 132 42.17 -17.06 23.17
N LYS A 133 42.18 -16.87 21.85
CA LYS A 133 40.98 -16.75 21.04
C LYS A 133 40.53 -18.11 20.56
N LEU A 134 39.21 -18.28 20.42
CA LEU A 134 38.63 -19.49 19.86
C LEU A 134 37.74 -19.07 18.71
N HIS A 135 37.97 -19.62 17.52
CA HIS A 135 37.28 -19.24 16.30
C HIS A 135 36.36 -20.37 15.87
N ALA A 136 35.05 -20.10 15.79
CA ALA A 136 34.10 -21.06 15.24
C ALA A 136 32.74 -20.38 15.04
N PRO A 137 32.01 -20.71 13.98
CA PRO A 137 30.64 -20.20 13.85
C PRO A 137 29.80 -20.53 15.06
N GLY A 138 29.14 -19.51 15.61
CA GLY A 138 28.18 -19.72 16.69
C GLY A 138 28.81 -19.74 18.07
N ILE A 139 30.12 -19.54 18.17
CA ILE A 139 30.74 -19.77 19.46
C ILE A 139 30.32 -18.70 20.48
N GLY A 140 30.06 -17.46 20.02
CA GLY A 140 29.65 -16.41 20.96
C GLY A 140 28.14 -16.17 20.99
N ASP A 141 27.50 -16.27 19.83
CA ASP A 141 26.04 -16.18 19.77
C ASP A 141 25.56 -17.54 19.27
N ASP A 142 25.19 -18.44 20.21
CA ASP A 142 25.07 -18.13 21.64
C ASP A 142 25.68 -19.25 22.48
N THR A 143 26.65 -19.99 21.93
CA THR A 143 27.10 -21.19 22.63
C THR A 143 27.79 -20.87 23.95
N ARG A 144 28.64 -19.82 23.98
CA ARG A 144 29.31 -19.50 25.23
C ARG A 144 28.28 -19.32 26.36
N SER A 145 27.13 -18.71 26.06
CA SER A 145 26.11 -18.49 27.09
C SER A 145 25.60 -19.82 27.65
N LEU A 146 25.44 -20.82 26.78
CA LEU A 146 25.00 -22.14 27.27
C LEU A 146 25.97 -22.66 28.31
N ALA A 147 27.28 -22.59 28.03
CA ALA A 147 28.29 -23.06 28.99
C ALA A 147 28.34 -22.19 30.23
N VAL A 148 28.14 -20.88 30.11
CA VAL A 148 28.17 -20.01 31.27
C VAL A 148 27.02 -20.35 32.23
N LEU A 149 25.83 -20.62 31.69
CA LEU A 149 24.72 -20.96 32.59
C LEU A 149 24.99 -22.28 33.32
N LEU A 150 25.57 -23.27 32.63
CA LEU A 150 25.95 -24.50 33.33
C LEU A 150 26.95 -24.22 34.45
N ALA A 151 27.93 -23.35 34.20
CA ALA A 151 28.91 -23.01 35.23
C ALA A 151 28.25 -22.36 36.43
N TYR A 152 27.27 -21.47 36.20
CA TYR A 152 26.50 -20.89 37.30
C TYR A 152 25.80 -21.99 38.12
N ALA A 153 25.07 -22.88 37.44
CA ALA A 153 24.33 -23.89 38.17
C ALA A 153 25.25 -24.72 39.05
N ARG A 154 26.43 -25.08 38.51
CA ARG A 154 27.39 -25.90 39.26
C ARG A 154 27.97 -25.12 40.43
N ALA A 155 28.40 -23.87 40.18
CA ALA A 155 29.00 -23.08 41.23
C ALA A 155 28.00 -22.76 42.34
N MET A 156 26.74 -22.48 41.98
CA MET A 156 25.72 -22.22 42.99
C MET A 156 25.52 -23.42 43.87
N LYS A 157 25.42 -24.61 43.26
CA LYS A 157 25.20 -25.82 44.03
C LYS A 157 26.39 -26.11 44.93
N GLU A 158 27.60 -26.07 44.35
CA GLU A 158 28.78 -26.43 45.14
C GLU A 158 28.99 -25.46 46.27
N SER A 159 28.75 -24.18 46.06
CA SER A 159 28.90 -23.24 47.15
C SER A 159 27.69 -23.18 48.09
N GLY A 160 26.64 -23.97 47.85
CA GLY A 160 25.48 -23.98 48.73
C GLY A 160 24.58 -22.75 48.66
N ILE A 161 24.51 -22.07 47.52
CA ILE A 161 23.67 -20.89 47.42
C ILE A 161 22.21 -21.26 47.67
N LYS A 162 21.55 -20.48 48.50
CA LYS A 162 20.13 -20.64 48.73
C LYS A 162 19.41 -19.44 48.10
N VAL A 163 18.45 -19.71 47.22
CA VAL A 163 17.67 -18.65 46.60
C VAL A 163 16.21 -18.74 47.04
N LYS A 164 15.51 -17.60 47.01
CA LYS A 164 14.12 -17.55 47.46
C LYS A 164 13.17 -18.10 46.42
N GLN A 165 13.37 -17.71 45.16
CA GLN A 165 12.57 -18.20 44.05
C GLN A 165 13.33 -19.29 43.31
N ASP A 166 12.59 -20.26 42.81
CA ASP A 166 13.22 -21.24 41.92
C ASP A 166 13.80 -20.51 40.71
N ILE A 167 14.92 -21.04 40.20
CA ILE A 167 15.50 -20.59 38.94
C ILE A 167 15.38 -21.71 37.94
N ILE A 168 14.75 -21.43 36.80
CA ILE A 168 14.64 -22.38 35.70
C ILE A 168 15.73 -22.02 34.66
N PHE A 169 16.75 -22.88 34.56
CA PHE A 169 17.80 -22.75 33.56
C PHE A 169 17.33 -23.42 32.28
N VAL A 170 17.43 -22.72 31.16
CA VAL A 170 16.86 -23.18 29.89
C VAL A 170 17.88 -23.05 28.77
N GLY A 171 18.01 -24.11 27.98
CA GLY A 171 18.63 -24.01 26.66
C GLY A 171 17.48 -24.02 25.67
N ASN A 172 17.11 -22.87 25.10
CA ASN A 172 15.86 -22.81 24.35
C ASN A 172 16.15 -22.86 22.86
N VAL A 173 15.12 -23.21 22.10
CA VAL A 173 15.24 -23.33 20.65
C VAL A 173 14.65 -22.09 20.00
N GLY A 174 15.12 -21.82 18.79
CA GLY A 174 14.42 -20.92 17.90
C GLY A 174 14.62 -19.43 18.08
N GLU A 175 15.69 -18.98 18.70
CA GLU A 175 15.86 -17.51 18.78
C GLU A 175 16.21 -16.91 17.43
N GLU A 176 16.92 -17.64 16.56
CA GLU A 176 17.52 -17.02 15.37
C GLU A 176 16.64 -17.19 14.12
N GLY A 177 16.59 -16.15 13.30
CA GLY A 177 16.05 -16.28 11.95
C GLY A 177 14.62 -16.78 11.92
N SER A 178 14.38 -17.81 11.08
CA SER A 178 13.03 -18.33 10.90
C SER A 178 12.50 -19.07 12.12
N GLY A 179 13.35 -19.32 13.12
CA GLY A 179 12.86 -19.93 14.35
C GLY A 179 11.74 -19.14 15.00
N ASP A 180 11.78 -17.81 14.85
CA ASP A 180 10.68 -16.94 15.31
C ASP A 180 10.29 -17.12 16.76
N LEU A 181 11.28 -17.33 17.62
CA LEU A 181 11.04 -17.44 19.05
C LEU A 181 10.12 -18.60 19.40
N ARG A 182 10.11 -19.67 18.58
CA ARG A 182 9.21 -20.79 18.86
C ARG A 182 9.49 -21.40 20.22
N GLY A 183 10.74 -21.35 20.67
CA GLY A 183 11.08 -21.97 21.95
C GLY A 183 10.51 -21.21 23.13
N VAL A 184 10.83 -19.91 23.22
CA VAL A 184 10.29 -19.12 24.33
CA VAL A 184 10.29 -19.13 24.33
C VAL A 184 8.78 -18.98 24.21
N ARG A 185 8.25 -18.97 22.97
CA ARG A 185 6.79 -18.96 22.81
C ARG A 185 6.17 -20.20 23.49
N TYR A 186 6.74 -21.38 23.24
CA TYR A 186 6.24 -22.57 23.92
C TYR A 186 6.42 -22.46 25.41
N LEU A 187 7.62 -22.06 25.87
CA LEU A 187 7.88 -22.02 27.30
C LEU A 187 6.86 -21.16 28.03
N LEU A 188 6.50 -20.02 27.45
CA LEU A 188 5.74 -19.02 28.17
C LEU A 188 4.27 -18.99 27.80
N THR A 189 3.83 -19.76 26.80
CA THR A 189 2.40 -19.81 26.52
C THR A 189 1.80 -21.20 26.59
N LYS A 190 2.62 -22.25 26.53
CA LYS A 190 2.09 -23.61 26.52
C LYS A 190 2.73 -24.50 27.57
N GLY A 191 3.99 -24.23 27.95
CA GLY A 191 4.72 -25.18 28.77
C GLY A 191 4.38 -25.13 30.25
N LYS A 192 5.01 -26.04 31.00
CA LYS A 192 4.64 -26.25 32.39
C LYS A 192 4.99 -25.07 33.29
N TYR A 193 5.92 -24.20 32.92
CA TYR A 193 6.28 -23.07 33.77
C TYR A 193 5.63 -21.77 33.36
N LYS A 194 4.73 -21.81 32.36
CA LYS A 194 4.27 -20.58 31.71
C LYS A 194 3.62 -19.62 32.69
N ASP A 195 2.97 -20.13 33.75
CA ASP A 195 2.29 -19.25 34.69
C ASP A 195 3.14 -18.95 35.92
N ARG A 196 4.34 -19.51 36.01
CA ARG A 196 5.22 -19.28 37.15
C ARG A 196 6.36 -18.30 36.86
N VAL A 197 6.71 -18.10 35.59
CA VAL A 197 7.84 -17.25 35.24
C VAL A 197 7.41 -15.80 35.49
N LYS A 198 7.97 -15.18 36.51
CA LYS A 198 7.67 -13.80 36.78
C LYS A 198 8.85 -12.87 36.53
N SER A 199 10.03 -13.42 36.23
CA SER A 199 11.18 -12.64 35.75
C SER A 199 11.81 -13.47 34.65
N PHE A 200 12.15 -12.86 33.52
CA PHE A 200 12.75 -13.60 32.42
C PHE A 200 14.05 -12.94 32.00
N PHE A 201 15.12 -13.74 31.93
CA PHE A 201 16.38 -13.30 31.36
C PHE A 201 16.75 -14.13 30.15
N SER A 202 17.26 -13.50 29.10
CA SER A 202 17.96 -14.22 28.06
C SER A 202 19.41 -13.78 28.11
N MET A 203 20.35 -14.73 28.11
CA MET A 203 21.77 -14.40 27.99
C MET A 203 22.14 -14.67 26.54
N ASP A 204 22.42 -13.61 25.79
CA ASP A 204 22.58 -13.74 24.34
C ASP A 204 23.71 -12.81 23.92
N GLY A 205 24.80 -13.38 23.40
CA GLY A 205 25.95 -12.58 23.02
C GLY A 205 26.90 -12.38 24.19
N THR A 206 28.08 -11.81 23.90
CA THR A 206 29.14 -11.76 24.91
C THR A 206 29.21 -10.45 25.71
N ASP A 207 28.59 -9.37 25.24
CA ASP A 207 28.81 -8.06 25.86
C ASP A 207 28.11 -7.96 27.20
N ALA A 208 28.86 -8.08 28.30
CA ALA A 208 28.21 -8.10 29.60
C ALA A 208 27.72 -6.72 30.07
N SER A 209 28.03 -5.67 29.32
CA SER A 209 27.47 -4.39 29.71
C SER A 209 26.09 -4.18 29.10
N ARG A 210 25.61 -5.09 28.26
CA ARG A 210 24.36 -4.86 27.55
CA ARG A 210 24.36 -4.88 27.55
C ARG A 210 23.16 -5.12 28.45
N ILE A 211 22.13 -4.33 28.25
CA ILE A 211 20.92 -4.46 29.03
C ILE A 211 19.80 -4.16 28.06
N VAL A 212 19.35 -5.20 27.35
CA VAL A 212 18.30 -5.01 26.34
C VAL A 212 16.96 -5.03 27.05
N THR A 213 16.30 -3.86 27.09
CA THR A 213 15.02 -3.71 27.75
C THR A 213 13.89 -3.49 26.76
N GLY A 214 14.19 -3.39 25.49
CA GLY A 214 13.18 -3.15 24.48
C GLY A 214 13.26 -4.21 23.41
N GLY A 215 12.10 -4.57 22.87
CA GLY A 215 12.03 -5.55 21.82
C GLY A 215 11.44 -4.97 20.56
N VAL A 216 12.22 -4.96 19.48
CA VAL A 216 11.74 -4.52 18.17
C VAL A 216 10.88 -5.63 17.59
N GLY A 217 9.67 -5.32 17.28
CA GLY A 217 8.82 -6.33 16.68
C GLY A 217 8.95 -6.36 15.18
N SER A 218 8.60 -7.49 14.57
CA SER A 218 8.68 -7.53 13.10
C SER A 218 7.59 -8.44 12.55
N LYS A 219 7.07 -8.08 11.37
CA LYS A 219 6.09 -8.87 10.66
C LYS A 219 6.62 -9.00 9.24
N ARG A 220 6.63 -10.22 8.71
CA ARG A 220 7.13 -10.47 7.36
C ARG A 220 6.11 -11.28 6.58
N TYR A 221 5.94 -10.90 5.32
CA TYR A 221 4.92 -11.50 4.48
C TYR A 221 5.48 -11.84 3.12
N ARG A 222 4.98 -12.93 2.55
CA ARG A 222 5.10 -13.15 1.12
C ARG A 222 3.72 -12.96 0.52
N ILE A 223 3.60 -12.05 -0.45
CA ILE A 223 2.35 -11.88 -1.17
C ILE A 223 2.55 -12.50 -2.54
N THR A 224 1.75 -13.51 -2.88
CA THR A 224 1.81 -14.16 -4.18
C THR A 224 0.63 -13.72 -5.00
N TYR A 225 0.91 -13.09 -6.14
CA TYR A 225 -0.13 -12.57 -7.01
C TYR A 225 -0.29 -13.52 -8.19
N LYS A 226 -1.53 -13.95 -8.46
CA LYS A 226 -1.82 -14.88 -9.55
C LYS A 226 -2.80 -14.29 -10.54
N GLY A 227 -2.68 -14.74 -11.77
CA GLY A 227 -3.61 -14.39 -12.81
C GLY A 227 -3.69 -15.49 -13.83
N PRO A 228 -4.48 -15.31 -14.89
CA PRO A 228 -4.64 -16.36 -15.91
C PRO A 228 -3.40 -16.55 -16.81
N GLY A 229 -2.53 -15.57 -16.94
CA GLY A 229 -1.43 -15.68 -17.91
C GLY A 229 -1.99 -15.50 -19.32
N GLY A 230 -1.18 -15.81 -20.31
CA GLY A 230 -1.61 -15.63 -21.68
C GLY A 230 -0.42 -15.22 -22.55
N HIS A 231 -0.65 -15.31 -23.86
CA HIS A 231 0.38 -14.85 -24.82
C HIS A 231 0.55 -13.32 -24.72
N SER A 232 1.81 -12.82 -24.66
CA SER A 232 1.94 -11.40 -24.38
C SER A 232 1.51 -10.53 -25.57
N TYR A 233 1.44 -11.09 -26.77
CA TYR A 233 0.88 -10.34 -27.90
C TYR A 233 -0.60 -10.68 -28.09
N GLY A 234 -0.90 -11.96 -28.24
CA GLY A 234 -2.27 -12.37 -28.54
C GLY A 234 -3.26 -12.00 -27.45
N ALA A 235 -2.84 -12.03 -26.19
CA ALA A 235 -3.75 -11.79 -25.07
C ALA A 235 -3.48 -10.44 -24.44
N PHE A 236 -2.77 -9.55 -25.13
CA PHE A 236 -2.55 -8.23 -24.56
C PHE A 236 -3.89 -7.60 -24.17
N GLY A 237 -3.95 -7.06 -22.96
CA GLY A 237 -5.18 -6.50 -22.41
C GLY A 237 -5.69 -7.25 -21.20
N LEU A 238 -5.27 -8.49 -21.02
CA LEU A 238 -5.58 -9.19 -19.80
C LEU A 238 -4.84 -8.60 -18.60
N VAL A 239 -5.40 -8.85 -17.42
CA VAL A 239 -4.78 -8.43 -16.18
C VAL A 239 -3.40 -9.08 -16.09
N ASN A 240 -2.49 -8.40 -15.40
CA ASN A 240 -1.13 -8.92 -15.21
C ASN A 240 -0.80 -8.83 -13.72
N PRO A 241 -0.57 -9.94 -13.04
CA PRO A 241 -0.27 -9.87 -11.59
C PRO A 241 1.03 -9.09 -11.28
N MET A 242 1.93 -9.00 -12.24
CA MET A 242 3.14 -8.18 -12.06
C MET A 242 2.77 -6.74 -11.75
N VAL A 243 1.71 -6.23 -12.41
CA VAL A 243 1.34 -4.84 -12.23
C VAL A 243 0.69 -4.63 -10.86
N ALA A 244 -0.21 -5.55 -10.42
CA ALA A 244 -0.75 -5.40 -9.06
C ALA A 244 0.36 -5.41 -8.02
N MET A 245 1.38 -6.27 -8.23
CA MET A 245 2.50 -6.37 -7.30
C MET A 245 3.31 -5.09 -7.30
N SER A 246 3.63 -4.57 -8.51
CA SER A 246 4.40 -3.33 -8.60
C SER A 246 3.64 -2.19 -7.97
N GLN A 247 2.33 -2.10 -8.23
CA GLN A 247 1.56 -1.04 -7.60
C GLN A 247 1.59 -1.16 -6.07
N THR A 248 1.52 -2.39 -5.53
CA THR A 248 1.63 -2.56 -4.08
C THR A 248 2.90 -1.92 -3.53
N VAL A 249 4.05 -2.21 -4.17
CA VAL A 249 5.32 -1.69 -3.68
C VAL A 249 5.34 -0.17 -3.70
N VAL A 250 4.85 0.41 -4.79
CA VAL A 250 4.88 1.86 -4.95
C VAL A 250 4.07 2.52 -3.83
N ASP A 251 2.86 2.00 -3.55
CA ASP A 251 2.09 2.62 -2.48
C ASP A 251 2.57 2.25 -1.08
N PHE A 252 3.17 1.05 -0.93
CA PHE A 252 3.77 0.65 0.34
C PHE A 252 4.80 1.68 0.79
N TYR A 253 5.59 2.21 -0.15
CA TYR A 253 6.64 3.16 0.18
C TYR A 253 6.13 4.56 0.38
N LYS A 254 4.82 4.75 0.38
CA LYS A 254 4.22 5.98 0.83
C LYS A 254 3.56 5.82 2.20
N ILE A 255 3.64 4.65 2.81
CA ILE A 255 3.12 4.51 4.20
C ILE A 255 3.96 5.37 5.13
N PRO A 256 3.37 6.20 6.00
CA PRO A 256 4.18 7.00 6.93
C PRO A 256 4.85 6.09 7.96
N ALA A 257 6.11 6.38 8.26
CA ALA A 257 6.87 5.59 9.20
C ALA A 257 7.53 6.54 10.19
N PRO A 258 7.07 6.60 11.44
CA PRO A 258 7.70 7.52 12.39
C PRO A 258 9.14 7.15 12.67
N ALA A 259 9.95 8.20 12.88
CA ALA A 259 11.32 8.03 13.32
C ALA A 259 11.38 7.61 14.80
N LYS A 260 10.42 8.09 15.63
CA LYS A 260 10.36 7.72 17.03
C LYS A 260 8.90 7.50 17.38
N PRO A 261 8.53 6.31 17.90
CA PRO A 261 9.29 5.06 18.04
C PRO A 261 9.76 4.56 16.64
N LYS A 262 10.99 4.11 16.50
CA LYS A 262 11.50 3.73 15.19
C LYS A 262 10.64 2.66 14.54
N THR A 263 10.22 2.93 13.31
CA THR A 263 9.31 2.11 12.54
C THR A 263 9.87 2.05 11.12
N THR A 264 9.95 0.84 10.54
CA THR A 264 10.61 0.65 9.25
C THR A 264 9.82 -0.35 8.42
N TYR A 265 10.12 -0.40 7.11
CA TYR A 265 9.58 -1.46 6.27
C TYR A 265 10.46 -1.60 5.05
N ALA A 266 10.26 -2.70 4.31
CA ALA A 266 11.03 -2.87 3.08
C ALA A 266 10.33 -3.85 2.16
N ALA A 267 10.46 -3.62 0.83
CA ALA A 267 10.14 -4.62 -0.20
C ALA A 267 11.47 -5.26 -0.61
N SER A 268 11.63 -6.55 -0.34
CA SER A 268 12.97 -7.14 -0.20
C SER A 268 13.32 -8.24 -1.19
N VAL A 269 12.35 -9.05 -1.64
CA VAL A 269 12.66 -10.22 -2.49
C VAL A 269 11.51 -10.40 -3.46
N THR A 270 11.80 -10.69 -4.72
CA THR A 270 10.74 -10.83 -5.70
C THR A 270 11.10 -11.91 -6.69
N GLY A 271 10.09 -12.46 -7.36
CA GLY A 271 10.32 -13.49 -8.37
C GLY A 271 9.06 -13.71 -9.17
N GLY A 272 9.21 -14.41 -10.29
CA GLY A 272 8.03 -14.82 -11.05
C GLY A 272 8.15 -14.49 -12.52
N GLY A 273 7.33 -15.16 -13.32
CA GLY A 273 7.34 -15.04 -14.77
C GLY A 273 8.24 -16.07 -15.41
N THR A 274 7.95 -16.37 -16.68
CA THR A 274 8.75 -17.35 -17.41
C THR A 274 9.47 -16.73 -18.61
N SER A 275 8.81 -15.90 -19.43
CA SER A 275 9.55 -15.20 -20.48
C SER A 275 8.73 -14.04 -21.01
N VAL A 276 9.39 -13.17 -21.78
CA VAL A 276 8.70 -12.04 -22.40
C VAL A 276 7.69 -12.46 -23.46
N ASN A 277 7.60 -13.75 -23.76
CA ASN A 277 6.52 -14.20 -24.65
C ASN A 277 5.18 -14.37 -23.94
N SER A 278 5.14 -14.19 -22.63
CA SER A 278 3.86 -14.43 -21.96
CA SER A 278 3.91 -14.50 -21.87
C SER A 278 3.62 -13.40 -20.87
N ILE A 279 2.33 -13.17 -20.62
CA ILE A 279 1.91 -12.46 -19.40
C ILE A 279 2.07 -13.41 -18.22
N PRO A 280 2.74 -13.01 -17.14
CA PRO A 280 2.96 -13.93 -16.01
C PRO A 280 1.65 -14.41 -15.42
N ASN A 281 1.65 -15.64 -14.89
CA ASN A 281 0.48 -16.09 -14.15
C ASN A 281 0.75 -16.20 -12.65
N GLU A 282 1.97 -15.96 -12.20
CA GLU A 282 2.24 -16.03 -10.76
C GLU A 282 3.55 -15.30 -10.45
N VAL A 283 3.51 -14.37 -9.51
CA VAL A 283 4.68 -13.58 -9.14
C VAL A 283 4.59 -13.37 -7.64
N TYR A 284 5.71 -13.00 -7.01
CA TYR A 284 5.61 -12.76 -5.57
C TYR A 284 6.56 -11.65 -5.15
N MET A 285 6.24 -11.05 -4.00
CA MET A 285 7.06 -10.05 -3.34
C MET A 285 7.06 -10.35 -1.85
N GLU A 286 8.23 -10.27 -1.24
CA GLU A 286 8.34 -10.40 0.20
C GLU A 286 8.57 -9.03 0.82
N PHE A 287 7.87 -8.78 1.92
CA PHE A 287 7.84 -7.50 2.61
C PHE A 287 8.25 -7.65 4.06
N ASP A 288 8.95 -6.65 4.58
CA ASP A 288 9.38 -6.55 5.98
C ASP A 288 8.70 -5.34 6.59
N MET A 289 8.30 -5.44 7.86
CA MET A 289 7.89 -4.25 8.60
C MET A 289 8.26 -4.45 10.06
N ARG A 290 8.78 -3.39 10.70
CA ARG A 290 9.29 -3.52 12.06
C ARG A 290 8.98 -2.25 12.83
N SER A 291 8.92 -2.37 14.16
CA SER A 291 8.80 -1.20 15.00
C SER A 291 9.21 -1.51 16.44
N GLU A 292 9.73 -0.49 17.10
CA GLU A 292 9.87 -0.54 18.55
C GLU A 292 8.51 -0.61 19.24
N SER A 293 7.45 -0.10 18.58
CA SER A 293 6.13 0.05 19.20
C SER A 293 5.13 -0.93 18.61
N PRO A 294 4.44 -1.76 19.43
CA PRO A 294 3.41 -2.64 18.86
C PRO A 294 2.35 -1.86 18.09
N ALA A 295 1.98 -0.68 18.59
CA ALA A 295 0.93 0.07 17.91
C ALA A 295 1.39 0.60 16.56
N GLU A 296 2.62 1.14 16.50
CA GLU A 296 3.10 1.61 15.20
C GLU A 296 3.23 0.44 14.22
N LEU A 297 3.69 -0.72 14.72
CA LEU A 297 3.84 -1.87 13.85
C LEU A 297 2.50 -2.31 13.29
N ALA A 298 1.49 -2.34 14.15
CA ALA A 298 0.17 -2.71 13.70
C ALA A 298 -0.35 -1.74 12.66
N LYS A 299 -0.08 -0.44 12.82
CA LYS A 299 -0.58 0.53 11.86
C LYS A 299 0.01 0.26 10.48
N VAL A 300 1.32 0.03 10.42
CA VAL A 300 1.96 -0.26 9.14
C VAL A 300 1.39 -1.54 8.54
N GLU A 301 1.25 -2.57 9.37
CA GLU A 301 0.74 -3.83 8.86
C GLU A 301 -0.66 -3.66 8.27
N GLN A 302 -1.54 -2.94 8.97
CA GLN A 302 -2.89 -2.76 8.43
C GLN A 302 -2.88 -1.92 7.16
N ALA A 303 -2.04 -0.88 7.12
CA ALA A 303 -1.95 -0.09 5.89
C ALA A 303 -1.44 -0.95 4.73
N PHE A 304 -0.47 -1.82 5.00
CA PHE A 304 0.06 -2.70 3.96
C PHE A 304 -1.01 -3.65 3.44
N LEU A 305 -1.73 -4.33 4.33
CA LEU A 305 -2.72 -5.28 3.85
C LEU A 305 -3.83 -4.59 3.06
N ALA A 306 -4.22 -3.37 3.46
CA ALA A 306 -5.20 -2.63 2.68
C ALA A 306 -4.67 -2.29 1.29
N ILE A 307 -3.40 -1.89 1.20
CA ILE A 307 -2.79 -1.59 -0.10
C ILE A 307 -2.75 -2.82 -0.99
N VAL A 308 -2.42 -3.99 -0.43
CA VAL A 308 -2.46 -5.21 -1.25
C VAL A 308 -3.85 -5.36 -1.87
N GLN A 309 -4.89 -5.24 -1.05
CA GLN A 309 -6.25 -5.43 -1.59
C GLN A 309 -6.60 -4.35 -2.60
N LYS A 310 -6.27 -3.09 -2.32
CA LYS A 310 -6.58 -2.03 -3.30
C LYS A 310 -5.83 -2.23 -4.61
N SER A 311 -4.60 -2.77 -4.55
CA SER A 311 -3.81 -2.95 -5.77
C SER A 311 -4.40 -4.07 -6.63
N VAL A 312 -4.86 -5.13 -5.99
CA VAL A 312 -5.56 -6.19 -6.72
C VAL A 312 -6.85 -5.64 -7.34
N GLU A 313 -7.64 -4.91 -6.55
CA GLU A 313 -8.87 -4.34 -7.10
C GLU A 313 -8.59 -3.40 -8.25
N GLY A 314 -7.55 -2.55 -8.12
CA GLY A 314 -7.27 -1.62 -9.20
C GLY A 314 -6.86 -2.33 -10.49
N GLU A 315 -6.06 -3.39 -10.38
CA GLU A 315 -5.63 -4.12 -11.59
C GLU A 315 -6.83 -4.79 -12.24
N ASN A 316 -7.72 -5.37 -11.43
CA ASN A 316 -8.93 -6.01 -12.00
C ASN A 316 -9.90 -5.01 -12.62
N ALA A 317 -9.79 -3.74 -12.29
CA ALA A 317 -10.59 -2.72 -12.94
C ALA A 317 -9.96 -2.17 -14.20
N ALA A 318 -8.62 -2.07 -14.21
CA ALA A 318 -7.94 -1.44 -15.33
C ALA A 318 -7.79 -2.37 -16.52
N ARG A 319 -7.67 -3.68 -16.30
CA ARG A 319 -7.43 -4.58 -17.41
C ARG A 319 -8.49 -5.69 -17.39
N SER A 320 -8.45 -6.60 -18.38
CA SER A 320 -9.59 -7.52 -18.57
C SER A 320 -9.53 -8.73 -17.65
N VAL A 321 -10.65 -9.05 -17.00
CA VAL A 321 -10.73 -10.26 -16.20
C VAL A 321 -11.46 -11.38 -16.96
N LYS A 322 -11.58 -11.27 -18.28
CA LYS A 322 -12.36 -12.26 -19.04
C LYS A 322 -11.77 -13.65 -18.93
N GLU A 323 -10.47 -13.80 -18.69
CA GLU A 323 -9.92 -15.14 -18.45
C GLU A 323 -9.72 -15.43 -16.97
N GLY A 324 -10.24 -14.60 -16.09
CA GLY A 324 -10.00 -14.75 -14.68
C GLY A 324 -9.33 -13.51 -14.07
N PRO A 325 -9.61 -13.22 -12.79
CA PRO A 325 -9.07 -12.02 -12.15
C PRO A 325 -7.71 -12.27 -11.50
N ILE A 326 -7.05 -11.18 -11.15
CA ILE A 326 -5.91 -11.28 -10.26
C ILE A 326 -6.40 -11.67 -8.87
N THR A 327 -5.65 -12.55 -8.20
CA THR A 327 -5.85 -12.85 -6.79
C THR A 327 -4.52 -12.70 -6.07
N ALA A 328 -4.59 -12.49 -4.76
CA ALA A 328 -3.38 -12.39 -3.95
C ALA A 328 -3.48 -13.37 -2.77
N ASP A 329 -2.46 -14.21 -2.61
CA ASP A 329 -2.28 -15.05 -1.44
CA ASP A 329 -2.30 -15.05 -1.42
C ASP A 329 -1.40 -14.32 -0.43
N VAL A 330 -1.91 -14.07 0.75
CA VAL A 330 -1.20 -13.37 1.80
C VAL A 330 -0.65 -14.41 2.77
N LYS A 331 0.67 -14.55 2.85
CA LYS A 331 1.28 -15.57 3.69
C LYS A 331 2.25 -14.92 4.67
N MET A 332 2.00 -15.08 5.96
CA MET A 332 2.93 -14.51 6.94
C MET A 332 4.12 -15.45 7.07
N ILE A 333 5.32 -14.91 6.98
CA ILE A 333 6.54 -15.71 7.02
C ILE A 333 7.42 -15.32 8.19
N GLY A 334 6.93 -14.44 9.05
CA GLY A 334 7.70 -14.06 10.21
C GLY A 334 6.86 -13.17 11.11
N ASP A 335 6.98 -13.38 12.40
CA ASP A 335 6.14 -12.65 13.35
C ASP A 335 6.89 -12.65 14.67
N ARG A 336 7.34 -11.48 15.11
CA ARG A 336 8.00 -11.34 16.41
C ARG A 336 7.34 -10.14 17.07
N PRO A 337 6.84 -10.28 18.30
CA PRO A 337 6.14 -9.14 18.92
C PRO A 337 7.12 -8.06 19.35
N ALA A 338 6.62 -6.81 19.37
CA ALA A 338 7.33 -5.67 19.93
C ALA A 338 6.97 -5.52 21.40
N GLY A 339 7.81 -4.84 22.16
CA GLY A 339 7.48 -4.63 23.57
C GLY A 339 8.62 -3.92 24.26
N GLU A 340 8.46 -3.74 25.57
CA GLU A 340 9.51 -3.10 26.35
C GLU A 340 9.28 -3.40 27.82
N THR A 341 10.36 -3.57 28.56
CA THR A 341 10.34 -3.63 30.02
C THR A 341 10.67 -2.25 30.58
N ALA A 342 9.75 -1.68 31.35
CA ALA A 342 9.94 -0.33 31.87
C ALA A 342 11.19 -0.28 32.74
N ALA A 343 11.94 0.83 32.65
CA ALA A 343 13.18 0.96 33.41
C ALA A 343 12.94 0.98 34.92
N THR A 344 11.71 1.23 35.36
CA THR A 344 11.39 1.21 36.78
C THR A 344 11.14 -0.20 37.31
N GLN A 345 11.04 -1.19 36.43
CA GLN A 345 10.87 -2.57 36.89
C GLN A 345 12.11 -3.00 37.65
N GLN A 346 11.90 -3.82 38.69
CA GLN A 346 12.99 -4.23 39.56
C GLN A 346 14.06 -5.00 38.79
N ILE A 347 13.63 -5.79 37.79
CA ILE A 347 14.60 -6.59 37.04
C ILE A 347 15.58 -5.69 36.33
N VAL A 348 15.11 -4.54 35.82
CA VAL A 348 15.99 -3.63 35.13
C VAL A 348 16.89 -2.90 36.13
N ARG A 349 16.32 -2.49 37.26
CA ARG A 349 17.13 -1.87 38.31
C ARG A 349 18.22 -2.83 38.79
N ASN A 350 17.88 -4.12 38.94
CA ASN A 350 18.90 -5.08 39.34
C ASN A 350 20.02 -5.16 38.32
N ALA A 351 19.65 -5.30 37.04
CA ALA A 351 20.68 -5.39 36.02
C ALA A 351 21.54 -4.13 36.00
N ASP A 352 20.88 -2.97 36.04
CA ASP A 352 21.61 -1.71 35.95
C ASP A 352 22.60 -1.57 37.10
N ALA A 353 22.15 -1.86 38.33
CA ALA A 353 23.01 -1.70 39.50
C ALA A 353 24.19 -2.65 39.47
N VAL A 354 23.95 -3.92 39.15
CA VAL A 354 25.06 -4.88 39.12
C VAL A 354 26.07 -4.50 38.04
N ILE A 355 25.60 -4.10 36.86
CA ILE A 355 26.54 -3.77 35.78
C ILE A 355 27.38 -2.56 36.16
N ARG A 356 26.76 -1.55 36.81
CA ARG A 356 27.52 -0.40 37.28
C ARG A 356 28.55 -0.79 38.32
N ALA A 357 28.11 -1.51 39.36
CA ALA A 357 29.01 -1.96 40.41
C ALA A 357 30.14 -2.82 39.87
N LYS A 358 29.96 -3.46 38.72
CA LYS A 358 31.05 -4.20 38.09
C LYS A 358 31.94 -3.30 37.24
N GLY A 359 31.75 -1.99 37.33
CA GLY A 359 32.58 -1.05 36.60
C GLY A 359 32.29 -0.93 35.13
N LEU A 360 31.09 -1.31 34.69
CA LEU A 360 30.70 -1.18 33.31
C LEU A 360 29.63 -0.11 33.17
N ASP A 361 29.35 0.28 31.93
CA ASP A 361 28.39 1.35 31.67
C ASP A 361 27.13 0.77 31.06
N PRO A 362 26.04 0.63 31.81
CA PRO A 362 24.80 0.08 31.24
C PRO A 362 24.07 1.13 30.42
N ARG A 363 23.83 0.82 29.15
CA ARG A 363 23.02 1.69 28.30
C ARG A 363 21.84 0.87 27.79
N PRO A 364 20.66 1.02 28.36
CA PRO A 364 19.53 0.18 27.98
C PRO A 364 19.21 0.37 26.51
N SER A 365 18.81 -0.70 25.85
CA SER A 365 18.65 -0.63 24.40
C SER A 365 17.49 -1.50 23.92
N PHE A 366 17.07 -1.23 22.68
CA PHE A 366 16.11 -2.07 21.95
C PHE A 366 16.93 -3.02 21.09
N SER A 367 16.44 -4.25 20.98
CA SER A 367 17.00 -5.22 20.05
C SER A 367 15.89 -6.21 19.72
N SER A 368 16.22 -7.25 18.98
CA SER A 368 15.24 -8.31 18.72
C SER A 368 15.83 -9.60 19.28
N THR A 369 15.32 -10.05 20.42
CA THR A 369 15.92 -11.17 21.15
C THR A 369 14.80 -12.05 21.69
N ASP A 370 15.17 -13.13 22.37
CA ASP A 370 14.15 -13.96 22.99
C ASP A 370 13.31 -13.18 23.99
N SER A 371 13.83 -12.10 24.58
CA SER A 371 13.05 -11.37 25.58
C SER A 371 11.82 -10.71 24.99
N ASN A 372 11.77 -10.49 23.67
CA ASN A 372 10.54 -9.93 23.06
C ASN A 372 9.29 -10.69 23.47
N MET A 373 9.39 -12.02 23.54
CA MET A 373 8.21 -12.81 23.88
C MET A 373 7.69 -12.49 25.28
N ALA A 374 8.57 -12.61 26.28
CA ALA A 374 8.18 -12.24 27.63
C ALA A 374 7.64 -10.82 27.72
N MET A 375 8.31 -9.86 27.09
CA MET A 375 7.79 -8.50 27.09
C MET A 375 6.35 -8.47 26.58
N SER A 376 6.08 -9.19 25.49
CA SER A 376 4.74 -9.14 24.90
C SER A 376 3.70 -9.81 25.78
N LEU A 377 4.12 -10.62 26.75
CA LEU A 377 3.21 -11.28 27.68
C LEU A 377 3.11 -10.52 29.00
N GLY A 378 3.74 -9.36 29.10
CA GLY A 378 3.76 -8.63 30.34
C GLY A 378 4.65 -9.22 31.42
N ILE A 379 5.63 -10.01 31.05
CA ILE A 379 6.59 -10.59 32.00
C ILE A 379 7.84 -9.73 32.01
N PRO A 380 8.28 -9.22 33.16
CA PRO A 380 9.53 -8.43 33.21
C PRO A 380 10.71 -9.22 32.67
N ALA A 381 11.47 -8.59 31.76
CA ALA A 381 12.40 -9.34 30.92
C ALA A 381 13.52 -8.44 30.45
N VAL A 382 14.74 -8.97 30.47
CA VAL A 382 15.94 -8.26 30.01
C VAL A 382 16.82 -9.29 29.30
N THR A 383 17.52 -8.85 28.25
CA THR A 383 18.53 -9.69 27.63
C THR A 383 19.90 -9.15 28.03
N ILE A 384 20.79 -10.04 28.49
CA ILE A 384 22.07 -9.68 29.05
C ILE A 384 23.16 -10.48 28.32
N GLY A 385 24.42 -10.16 28.62
CA GLY A 385 25.51 -10.81 27.92
C GLY A 385 26.32 -11.76 28.80
N SER A 386 27.11 -12.63 28.17
CA SER A 386 27.83 -13.66 28.90
C SER A 386 29.21 -13.22 29.36
N GLY A 387 29.70 -12.07 28.88
CA GLY A 387 30.98 -11.63 29.39
C GLY A 387 32.13 -11.89 28.42
N GLY A 388 33.24 -11.17 28.65
CA GLY A 388 34.41 -11.34 27.83
C GLY A 388 34.26 -10.60 26.52
N ILE A 389 35.21 -10.88 25.63
CA ILE A 389 35.37 -10.23 24.34
C ILE A 389 34.94 -11.21 23.25
N GLY A 390 34.27 -10.72 22.22
CA GLY A 390 33.96 -11.56 21.06
C GLY A 390 33.67 -10.64 19.91
N ALA A 391 33.60 -11.20 18.71
CA ALA A 391 33.34 -10.39 17.53
C ALA A 391 32.87 -11.27 16.39
N ARG A 392 32.32 -10.61 15.37
CA ARG A 392 31.87 -11.24 14.13
C ARG A 392 30.78 -12.26 14.38
N ALA A 393 29.95 -12.00 15.37
CA ALA A 393 28.78 -12.84 15.56
C ALA A 393 27.96 -12.88 14.28
N HIS A 394 27.40 -14.06 14.00
CA HIS A 394 26.62 -14.38 12.80
C HIS A 394 27.48 -14.46 11.53
N SER A 395 28.80 -14.37 11.62
CA SER A 395 29.66 -14.57 10.45
C SER A 395 30.48 -15.84 10.61
N LEU A 396 30.93 -16.37 9.48
CA LEU A 396 31.71 -17.61 9.47
C LEU A 396 33.04 -17.47 10.21
N ASP A 397 33.52 -16.24 10.40
CA ASP A 397 34.76 -16.02 11.12
C ASP A 397 34.54 -15.55 12.56
N GLU A 398 33.39 -15.90 13.17
CA GLU A 398 33.13 -15.53 14.56
C GLU A 398 34.20 -16.06 15.51
N TRP A 399 34.49 -15.28 16.54
CA TRP A 399 35.43 -15.73 17.58
C TRP A 399 35.08 -15.12 18.93
N ILE A 400 35.62 -15.73 19.99
CA ILE A 400 35.61 -15.17 21.33
C ILE A 400 37.03 -15.26 21.87
N ASP A 401 37.31 -14.46 22.89
CA ASP A 401 38.56 -14.55 23.62
C ASP A 401 38.27 -15.17 24.98
N VAL A 402 38.95 -16.27 25.30
CA VAL A 402 38.72 -16.92 26.60
C VAL A 402 39.86 -16.65 27.59
N LYS A 403 40.67 -15.62 27.36
CA LYS A 403 41.64 -15.24 28.38
C LYS A 403 40.93 -15.07 29.71
N LYS A 404 41.44 -15.77 30.72
CA LYS A 404 40.65 -16.02 31.92
C LYS A 404 40.23 -14.74 32.60
N THR A 405 41.16 -13.79 32.78
CA THR A 405 40.82 -12.61 33.58
C THR A 405 39.54 -11.96 33.09
N LYS A 406 39.48 -11.69 31.79
CA LYS A 406 38.35 -10.98 31.22
C LYS A 406 37.12 -11.89 31.06
N SER A 407 37.36 -13.13 30.63
CA SER A 407 36.28 -14.09 30.46
C SER A 407 35.59 -14.39 31.78
N LEU A 408 36.38 -14.63 32.83
CA LEU A 408 35.82 -14.92 34.14
C LEU A 408 35.09 -13.70 34.69
N GLU A 409 35.73 -12.52 34.64
CA GLU A 409 35.07 -11.35 35.23
C GLU A 409 33.74 -11.06 34.54
N GLY A 410 33.71 -11.18 33.21
CA GLY A 410 32.47 -10.96 32.48
C GLY A 410 31.38 -11.95 32.86
N ALA A 411 31.75 -13.22 33.03
CA ALA A 411 30.76 -14.21 33.42
C ALA A 411 30.18 -13.93 34.80
N THR A 412 30.94 -13.27 35.68
CA THR A 412 30.38 -13.05 37.01
C THR A 412 29.28 -11.99 36.99
N VAL A 413 29.15 -11.22 35.91
CA VAL A 413 28.13 -10.18 35.86
C VAL A 413 26.74 -10.80 35.86
N GLY A 414 26.46 -11.66 34.89
CA GLY A 414 25.14 -12.28 34.86
C GLY A 414 24.81 -13.04 36.14
N LEU A 415 25.81 -13.64 36.78
CA LEU A 415 25.50 -14.37 38.02
C LEU A 415 24.96 -13.41 39.09
N GLY A 416 25.56 -12.24 39.22
CA GLY A 416 25.05 -11.27 40.17
C GLY A 416 23.65 -10.79 39.83
N ILE A 417 23.40 -10.50 38.54
CA ILE A 417 22.07 -10.06 38.14
C ILE A 417 21.05 -11.12 38.52
N LEU A 418 21.38 -12.38 38.22
CA LEU A 418 20.46 -13.47 38.43
C LEU A 418 20.15 -13.65 39.91
N LEU A 419 21.20 -13.67 40.75
CA LEU A 419 21.00 -13.90 42.19
C LEU A 419 20.31 -12.70 42.85
N ALA A 420 20.64 -11.47 42.42
CA ALA A 420 19.91 -10.32 42.92
C ALA A 420 18.42 -10.47 42.66
N THR A 421 18.06 -11.05 41.51
CA THR A 421 16.66 -11.11 41.10
C THR A 421 15.93 -12.27 41.77
N ALA A 422 16.56 -13.44 41.88
CA ALA A 422 15.90 -14.54 42.57
C ALA A 422 15.85 -14.30 44.08
N GLY A 423 16.79 -13.53 44.61
CA GLY A 423 16.92 -13.30 46.04
C GLY A 423 17.78 -14.37 46.68
N THR A 424 18.72 -14.00 47.56
CA THR A 424 19.50 -14.96 48.31
C THR A 424 19.34 -14.75 49.80
N GLN A 425 19.45 -15.83 50.55
CA GLN A 425 19.41 -15.74 52.00
C GLN A 425 20.65 -16.40 52.60
N LYS B 26 -18.51 6.88 10.11
CA LYS B 26 -19.68 7.38 9.39
C LYS B 26 -19.31 8.58 8.52
N PRO B 27 -19.46 8.46 7.20
CA PRO B 27 -19.01 9.57 6.34
C PRO B 27 -19.81 10.84 6.54
N GLU B 28 -21.14 10.74 6.68
CA GLU B 28 -21.97 11.93 6.82
C GLU B 28 -21.76 12.66 8.14
N ALA B 29 -20.93 12.14 9.04
CA ALA B 29 -20.60 12.87 10.26
C ALA B 29 -19.88 14.17 9.99
N VAL B 30 -19.21 14.30 8.84
CA VAL B 30 -18.51 15.53 8.52
C VAL B 30 -19.46 16.70 8.54
N LEU B 31 -20.75 16.46 8.25
CA LEU B 31 -21.69 17.56 8.15
C LEU B 31 -21.97 18.20 9.51
N LYS B 32 -21.58 17.55 10.60
CA LYS B 32 -21.81 18.09 11.93
C LYS B 32 -20.54 18.58 12.57
N THR B 33 -19.44 18.60 11.83
CA THR B 33 -18.20 19.11 12.39
C THR B 33 -18.22 20.63 12.40
N LYS B 34 -17.49 21.22 13.36
CA LYS B 34 -17.50 22.66 13.49
C LYS B 34 -16.89 23.32 12.25
N GLY B 35 -15.85 22.69 11.71
CA GLY B 35 -15.22 23.23 10.50
C GLY B 35 -16.18 23.30 9.31
N TYR B 36 -16.89 22.22 9.05
CA TYR B 36 -17.85 22.25 7.95
C TYR B 36 -18.90 23.34 8.16
N GLU B 37 -19.46 23.41 9.37
CA GLU B 37 -20.49 24.41 9.62
C GLU B 37 -19.94 25.82 9.45
N ALA B 38 -18.71 26.06 9.90
CA ALA B 38 -18.09 27.35 9.69
C ALA B 38 -17.85 27.62 8.21
N ALA B 39 -17.39 26.62 7.45
CA ALA B 39 -17.17 26.83 6.02
C ALA B 39 -18.47 27.18 5.31
N VAL B 40 -19.57 26.50 5.66
CA VAL B 40 -20.86 26.78 5.00
C VAL B 40 -21.27 28.23 5.24
N LYS B 41 -20.98 28.75 6.42
CA LYS B 41 -21.36 30.13 6.69
C LYS B 41 -20.60 31.11 5.78
N ILE B 42 -19.35 30.79 5.46
CA ILE B 42 -18.62 31.62 4.49
C ILE B 42 -19.18 31.47 3.09
N LEU B 43 -19.50 30.23 2.68
CA LEU B 43 -20.15 30.04 1.38
C LEU B 43 -21.42 30.88 1.31
N ASP B 44 -22.13 30.94 2.43
CA ASP B 44 -23.32 31.76 2.53
C ASP B 44 -22.96 33.24 2.40
N ARG B 45 -22.06 33.71 3.26
CA ARG B 45 -21.63 35.11 3.24
C ARG B 45 -21.14 35.57 1.86
N ASP B 46 -20.38 34.73 1.16
CA ASP B 46 -19.77 35.17 -0.08
C ASP B 46 -20.45 34.56 -1.30
N HIS B 47 -21.69 34.14 -1.17
CA HIS B 47 -22.40 33.60 -2.33
C HIS B 47 -22.45 34.63 -3.44
N ASP B 48 -22.55 35.92 -3.07
CA ASP B 48 -22.59 36.95 -4.10
C ASP B 48 -21.24 37.06 -4.82
N ARG B 49 -20.14 36.82 -4.10
CA ARG B 49 -18.84 36.74 -4.77
C ARG B 49 -18.82 35.55 -5.75
N MET B 50 -19.32 34.40 -5.30
CA MET B 50 -19.38 33.20 -6.13
C MET B 50 -20.13 33.45 -7.43
N VAL B 51 -21.27 34.13 -7.34
CA VAL B 51 -22.05 34.45 -8.53
C VAL B 51 -21.29 35.37 -9.46
N ASP B 52 -20.61 36.39 -8.91
CA ASP B 52 -19.77 37.26 -9.73
C ASP B 52 -18.72 36.46 -10.48
N GLU B 53 -18.16 35.46 -9.81
CA GLU B 53 -17.11 34.67 -10.46
C GLU B 53 -17.68 33.71 -11.49
N ILE B 54 -18.90 33.19 -11.27
CA ILE B 54 -19.56 32.45 -12.34
C ILE B 54 -19.62 33.31 -13.60
N ILE B 55 -20.13 34.54 -13.44
CA ILE B 55 -20.33 35.42 -14.58
C ILE B 55 -18.99 35.75 -15.24
N LYS B 56 -17.99 36.12 -14.43
CA LYS B 56 -16.69 36.47 -14.99
C LYS B 56 -16.13 35.32 -15.82
N LEU B 57 -16.12 34.11 -15.26
CA LEU B 57 -15.53 32.99 -15.99
C LEU B 57 -16.37 32.62 -17.21
N THR B 58 -17.70 32.69 -17.08
CA THR B 58 -18.53 32.28 -18.22
C THR B 58 -18.24 33.13 -19.43
N GLU B 59 -17.99 34.41 -19.21
CA GLU B 59 -17.79 35.35 -20.31
C GLU B 59 -16.37 35.32 -20.87
N ILE B 60 -15.48 34.48 -20.33
CA ILE B 60 -14.22 34.14 -20.99
C ILE B 60 -14.48 32.85 -21.76
N PRO B 61 -14.70 32.91 -23.07
CA PRO B 61 -15.08 31.71 -23.81
C PRO B 61 -13.97 30.67 -23.77
N ALA B 62 -14.39 29.40 -23.76
CA ALA B 62 -13.43 28.28 -23.73
C ALA B 62 -13.93 27.15 -24.62
N PRO B 63 -13.90 27.36 -25.95
CA PRO B 63 -14.20 26.27 -26.89
C PRO B 63 -13.22 25.12 -26.73
N PRO B 64 -13.56 23.94 -27.25
CA PRO B 64 -12.61 22.83 -27.22
C PRO B 64 -11.27 23.25 -27.84
N PHE B 65 -10.18 22.82 -27.18
CA PHE B 65 -8.79 23.09 -27.57
C PHE B 65 -8.42 24.54 -27.41
N LYS B 66 -9.33 25.38 -26.92
CA LYS B 66 -9.11 26.82 -26.83
C LYS B 66 -9.33 27.31 -25.41
N GLU B 67 -8.97 26.50 -24.41
CA GLU B 67 -9.21 26.84 -23.02
C GLU B 67 -8.14 27.76 -22.43
N ALA B 68 -7.09 28.14 -23.16
CA ALA B 68 -5.94 28.79 -22.50
C ALA B 68 -6.33 30.07 -21.77
N ALA B 69 -7.16 30.91 -22.40
CA ALA B 69 -7.53 32.18 -21.76
C ALA B 69 -8.26 31.94 -20.46
N ARG B 70 -9.22 31.02 -20.45
CA ARG B 70 -9.92 30.75 -19.23
C ARG B 70 -9.02 30.07 -18.20
N ALA B 71 -8.13 29.18 -18.66
CA ALA B 71 -7.19 28.56 -17.73
C ALA B 71 -6.31 29.61 -17.06
N ALA B 72 -5.87 30.63 -17.83
CA ALA B 72 -5.03 31.65 -17.21
C ALA B 72 -5.79 32.43 -16.15
N ALA B 73 -7.04 32.83 -16.46
CA ALA B 73 -7.84 33.51 -15.45
C ALA B 73 -8.09 32.61 -14.25
N TYR B 74 -8.37 31.33 -14.49
CA TYR B 74 -8.67 30.44 -13.36
C TYR B 74 -7.46 30.23 -12.48
N ALA B 75 -6.26 30.11 -13.09
CA ALA B 75 -5.07 29.95 -12.27
C ALA B 75 -4.87 31.14 -11.32
N GLU B 76 -5.16 32.35 -11.80
CA GLU B 76 -5.02 33.52 -10.91
C GLU B 76 -6.02 33.42 -9.76
N MET B 77 -7.21 32.90 -10.03
CA MET B 77 -8.22 32.81 -8.98
C MET B 77 -7.88 31.71 -7.98
N LEU B 78 -7.29 30.59 -8.44
CA LEU B 78 -6.79 29.58 -7.51
C LEU B 78 -5.72 30.15 -6.61
N LYS B 79 -4.81 30.97 -7.17
CA LYS B 79 -3.82 31.65 -6.32
C LYS B 79 -4.53 32.55 -5.32
N ASP B 80 -5.52 33.32 -5.80
CA ASP B 80 -6.22 34.23 -4.89
C ASP B 80 -7.00 33.48 -3.83
N ALA B 81 -7.37 32.23 -4.09
CA ALA B 81 -8.04 31.44 -3.04
C ALA B 81 -7.08 30.91 -1.99
N GLY B 82 -5.78 31.17 -2.12
CA GLY B 82 -4.87 30.74 -1.09
C GLY B 82 -4.30 29.37 -1.29
N LEU B 83 -4.53 28.76 -2.45
CA LEU B 83 -3.97 27.43 -2.70
C LEU B 83 -2.48 27.54 -2.96
N GLN B 84 -1.79 26.43 -2.77
CA GLN B 84 -0.35 26.42 -2.94
C GLN B 84 -0.01 25.67 -4.21
N ASP B 85 1.22 25.92 -4.68
CA ASP B 85 1.75 25.27 -5.89
C ASP B 85 0.82 25.46 -7.08
N VAL B 86 0.24 26.64 -7.23
CA VAL B 86 -0.69 26.87 -8.33
C VAL B 86 0.09 26.90 -9.64
N GLU B 87 -0.36 26.16 -10.62
CA GLU B 87 0.33 26.20 -11.89
C GLU B 87 -0.59 25.67 -12.97
N ILE B 88 -0.18 25.89 -14.22
CA ILE B 88 -0.84 25.30 -15.41
C ILE B 88 0.10 24.28 -15.99
N ASP B 89 -0.38 23.04 -16.15
CA ASP B 89 0.54 22.00 -16.62
C ASP B 89 0.70 22.04 -18.14
N ALA B 90 1.48 21.10 -18.68
CA ALA B 90 1.82 21.11 -20.09
C ALA B 90 0.60 20.92 -20.98
N GLU B 91 -0.43 20.27 -20.48
CA GLU B 91 -1.66 20.06 -21.26
C GLU B 91 -2.59 21.26 -21.23
N GLY B 92 -2.45 22.15 -20.25
CA GLY B 92 -3.31 23.32 -20.10
C GLY B 92 -4.25 23.24 -18.90
N ASN B 93 -4.16 22.20 -18.06
CA ASN B 93 -4.92 22.16 -16.82
C ASN B 93 -4.37 23.18 -15.83
N ALA B 94 -5.25 23.87 -15.12
CA ALA B 94 -4.88 24.76 -14.01
C ALA B 94 -5.16 24.05 -12.68
N MET B 95 -4.25 24.17 -11.72
CA MET B 95 -4.46 23.44 -10.49
C MET B 95 -3.76 24.12 -9.32
N GLY B 96 -4.24 23.81 -8.12
CA GLY B 96 -3.62 24.25 -6.88
C GLY B 96 -3.92 23.24 -5.80
N VAL B 97 -3.14 23.28 -4.72
CA VAL B 97 -3.18 22.27 -3.67
C VAL B 97 -3.67 22.89 -2.37
N TYR B 98 -4.64 22.23 -1.74
CA TYR B 98 -5.01 22.49 -0.35
C TYR B 98 -4.26 21.46 0.48
N ARG B 99 -3.22 21.91 1.19
CA ARG B 99 -2.32 20.96 1.83
C ARG B 99 -2.96 20.35 3.08
N GLY B 100 -2.83 19.04 3.24
CA GLY B 100 -3.39 18.34 4.38
C GLY B 100 -2.35 18.14 5.48
N THR B 101 -2.70 17.33 6.46
CA THR B 101 -1.81 17.09 7.59
C THR B 101 -0.97 15.83 7.43
N GLY B 102 -1.09 15.11 6.32
CA GLY B 102 -0.30 13.90 6.13
C GLY B 102 1.07 14.14 5.54
N PRO B 103 1.82 13.05 5.30
CA PRO B 103 3.18 13.19 4.78
C PRO B 103 3.18 13.77 3.36
N ALA B 104 4.19 14.58 3.07
CA ALA B 104 4.33 15.12 1.73
C ALA B 104 4.36 14.00 0.69
N GLY B 105 3.67 14.22 -0.42
CA GLY B 105 3.71 13.21 -1.47
C GLY B 105 2.83 12.00 -1.24
N GLY B 106 1.98 11.98 -0.18
CA GLY B 106 1.12 10.83 0.05
C GLY B 106 -0.14 10.83 -0.81
N PRO B 107 -0.97 9.81 -0.60
CA PRO B 107 -2.24 9.71 -1.33
C PRO B 107 -3.09 10.96 -1.18
N ALA B 108 -3.72 11.38 -2.26
CA ALA B 108 -4.42 12.66 -2.30
C ALA B 108 -5.80 12.47 -2.93
N VAL B 109 -6.65 13.47 -2.76
CA VAL B 109 -7.95 13.55 -3.41
C VAL B 109 -7.85 14.62 -4.51
N MET B 110 -8.37 14.34 -5.71
CA MET B 110 -8.42 15.35 -6.76
C MET B 110 -9.88 15.70 -7.02
N ILE B 111 -10.19 16.98 -7.10
CA ILE B 111 -11.52 17.39 -7.54
C ILE B 111 -11.37 18.38 -8.70
N ALA B 112 -12.01 18.08 -9.82
CA ALA B 112 -11.84 18.82 -11.05
C ALA B 112 -13.19 19.35 -11.51
N ALA B 113 -13.17 20.54 -12.10
CA ALA B 113 -14.28 21.04 -12.90
C ALA B 113 -13.69 21.45 -14.25
N HIS B 114 -14.36 21.15 -15.35
CA HIS B 114 -13.69 21.38 -16.63
C HIS B 114 -13.86 22.82 -17.13
N LEU B 115 -12.77 23.35 -17.68
CA LEU B 115 -12.75 24.71 -18.22
C LEU B 115 -13.50 24.84 -19.55
N ASP B 116 -13.44 23.80 -20.40
CA ASP B 116 -14.02 23.93 -21.73
C ASP B 116 -15.55 23.87 -21.68
N THR B 117 -16.18 24.43 -22.71
CA THR B 117 -17.58 24.19 -23.01
C THR B 117 -17.69 23.56 -24.40
N VAL B 118 -18.91 23.12 -24.74
CA VAL B 118 -19.17 22.59 -26.07
C VAL B 118 -19.15 23.66 -27.16
N PHE B 119 -19.07 24.97 -26.79
CA PHE B 119 -19.46 25.96 -27.82
C PHE B 119 -18.26 26.45 -28.63
N PRO B 120 -18.37 26.48 -29.96
CA PRO B 120 -17.21 26.83 -30.79
C PRO B 120 -16.84 28.29 -30.67
N GLU B 121 -15.60 28.59 -31.06
CA GLU B 121 -15.10 29.96 -31.08
C GLU B 121 -16.06 30.82 -31.90
N GLY B 122 -16.31 32.02 -31.41
CA GLY B 122 -17.23 32.94 -32.05
C GLY B 122 -18.65 32.90 -31.53
N THR B 123 -19.01 31.92 -30.72
CA THR B 123 -20.31 31.93 -30.07
C THR B 123 -20.39 33.17 -29.18
N PRO B 124 -21.38 34.04 -29.36
CA PRO B 124 -21.47 35.21 -28.48
C PRO B 124 -21.85 34.75 -27.08
N ILE B 125 -21.13 35.22 -26.08
CA ILE B 125 -21.38 34.80 -24.71
C ILE B 125 -21.43 36.04 -23.84
N LYS B 126 -22.65 36.42 -23.44
CA LYS B 126 -22.88 37.56 -22.56
C LYS B 126 -23.99 37.13 -21.62
N VAL B 127 -23.73 37.17 -20.32
CA VAL B 127 -24.73 36.69 -19.38
C VAL B 127 -25.89 37.66 -19.37
N ARG B 128 -27.09 37.13 -19.47
CA ARG B 128 -28.33 37.91 -19.37
C ARG B 128 -28.97 37.57 -18.03
N ARG B 129 -29.14 38.57 -17.18
CA ARG B 129 -29.82 38.33 -15.91
C ARG B 129 -31.32 38.48 -16.09
N ASP B 130 -32.08 37.63 -15.39
CA ASP B 130 -33.54 37.57 -15.49
C ASP B 130 -34.06 37.10 -14.14
N GLY B 131 -34.28 38.06 -13.23
CA GLY B 131 -34.59 37.70 -11.86
C GLY B 131 -33.39 37.05 -11.20
N THR B 132 -33.55 35.80 -10.73
CA THR B 132 -32.43 35.04 -10.20
C THR B 132 -31.79 34.11 -11.24
N LYS B 133 -32.30 34.12 -12.48
CA LYS B 133 -31.76 33.27 -13.55
C LYS B 133 -30.67 34.01 -14.31
N LEU B 134 -29.67 33.24 -14.75
CA LEU B 134 -28.57 33.75 -15.56
C LEU B 134 -28.48 32.92 -16.82
N HIS B 135 -28.53 33.58 -17.98
CA HIS B 135 -28.60 32.91 -19.28
C HIS B 135 -27.30 33.14 -20.01
N ALA B 136 -26.59 32.05 -20.33
CA ALA B 136 -25.41 32.13 -21.17
C ALA B 136 -24.93 30.74 -21.54
N PRO B 137 -24.44 30.56 -22.78
CA PRO B 137 -23.86 29.27 -23.15
C PRO B 137 -22.74 28.87 -22.19
N GLY B 138 -22.83 27.64 -21.67
CA GLY B 138 -21.77 27.09 -20.85
C GLY B 138 -21.83 27.45 -19.37
N ILE B 139 -22.86 28.17 -18.95
CA ILE B 139 -22.84 28.68 -17.57
C ILE B 139 -23.03 27.55 -16.56
N GLY B 140 -23.77 26.50 -16.91
CA GLY B 140 -23.98 25.40 -15.98
C GLY B 140 -23.08 24.21 -16.24
N ASP B 141 -22.81 23.92 -17.51
CA ASP B 141 -21.87 22.85 -17.87
C ASP B 141 -20.74 23.57 -18.60
N ASP B 142 -19.65 23.94 -17.89
CA ASP B 142 -19.42 23.57 -16.49
C ASP B 142 -18.89 24.76 -15.71
N THR B 143 -19.22 25.99 -16.14
CA THR B 143 -18.55 27.14 -15.52
C THR B 143 -18.93 27.33 -14.06
N ARG B 144 -20.20 27.12 -13.68
CA ARG B 144 -20.56 27.28 -12.27
C ARG B 144 -19.67 26.41 -11.38
N SER B 145 -19.34 25.20 -11.84
CA SER B 145 -18.53 24.30 -11.01
C SER B 145 -17.17 24.89 -10.74
N LEU B 146 -16.59 25.55 -11.72
CA LEU B 146 -15.31 26.22 -11.51
C LEU B 146 -15.39 27.20 -10.34
N ALA B 147 -16.45 28.01 -10.33
CA ALA B 147 -16.62 29.01 -9.27
C ALA B 147 -16.93 28.35 -7.94
N VAL B 148 -17.70 27.25 -7.96
CA VAL B 148 -18.03 26.56 -6.73
C VAL B 148 -16.76 25.99 -6.08
N LEU B 149 -15.85 25.42 -6.90
CA LEU B 149 -14.62 24.89 -6.31
C LEU B 149 -13.76 25.99 -5.68
N LEU B 150 -13.67 27.15 -6.34
CA LEU B 150 -12.95 28.27 -5.75
C LEU B 150 -13.57 28.68 -4.43
N ALA B 151 -14.90 28.72 -4.37
CA ALA B 151 -15.59 29.07 -3.14
C ALA B 151 -15.26 28.07 -2.02
N TYR B 152 -15.23 26.78 -2.35
CA TYR B 152 -14.78 25.77 -1.37
C TYR B 152 -13.39 26.09 -0.84
N ALA B 153 -12.44 26.29 -1.75
CA ALA B 153 -11.06 26.49 -1.30
C ALA B 153 -10.96 27.69 -0.38
N ARG B 154 -11.64 28.79 -0.73
CA ARG B 154 -11.58 29.99 0.12
C ARG B 154 -12.24 29.73 1.47
N ALA B 155 -13.44 29.11 1.45
CA ALA B 155 -14.17 28.88 2.69
C ALA B 155 -13.41 27.92 3.61
N MET B 156 -12.76 26.91 3.03
CA MET B 156 -11.98 25.97 3.83
C MET B 156 -10.82 26.68 4.51
N LYS B 157 -10.11 27.51 3.76
CA LYS B 157 -8.96 28.19 4.33
C LYS B 157 -9.41 29.16 5.40
N GLU B 158 -10.44 29.94 5.10
CA GLU B 158 -10.86 30.96 6.06
C GLU B 158 -11.38 30.31 7.34
N SER B 159 -12.10 29.21 7.24
CA SER B 159 -12.59 28.55 8.42
C SER B 159 -11.54 27.66 9.10
N GLY B 160 -10.33 27.59 8.57
CA GLY B 160 -9.27 26.80 9.17
C GLY B 160 -9.43 25.29 9.08
N ILE B 161 -10.14 24.78 8.08
CA ILE B 161 -10.33 23.33 7.98
C ILE B 161 -8.99 22.62 7.80
N LYS B 162 -8.79 21.55 8.57
CA LYS B 162 -7.60 20.70 8.42
C LYS B 162 -8.05 19.37 7.81
N VAL B 163 -7.44 18.97 6.69
CA VAL B 163 -7.77 17.71 6.02
C VAL B 163 -6.59 16.77 6.18
N LYS B 164 -6.87 15.47 6.14
CA LYS B 164 -5.83 14.46 6.30
C LYS B 164 -5.05 14.23 5.02
N GLN B 165 -5.74 14.11 3.91
CA GLN B 165 -5.07 14.02 2.61
C GLN B 165 -5.09 15.37 1.93
N ASP B 166 -4.06 15.64 1.13
CA ASP B 166 -4.07 16.84 0.32
C ASP B 166 -5.24 16.78 -0.64
N ILE B 167 -5.78 17.94 -0.99
CA ILE B 167 -6.79 18.03 -2.04
C ILE B 167 -6.19 18.83 -3.18
N ILE B 168 -6.23 18.27 -4.38
CA ILE B 168 -5.78 18.97 -5.58
C ILE B 168 -7.03 19.49 -6.30
N PHE B 169 -7.21 20.81 -6.29
CA PHE B 169 -8.29 21.49 -7.01
C PHE B 169 -7.83 21.74 -8.44
N VAL B 170 -8.64 21.32 -9.43
CA VAL B 170 -8.25 21.39 -10.84
C VAL B 170 -9.33 22.02 -11.69
N GLY B 171 -8.92 22.94 -12.58
CA GLY B 171 -9.76 23.34 -13.70
C GLY B 171 -9.18 22.63 -14.90
N ASN B 172 -9.81 21.56 -15.38
CA ASN B 172 -9.15 20.73 -16.37
C ASN B 172 -9.66 21.02 -17.79
N VAL B 173 -8.87 20.63 -18.76
CA VAL B 173 -9.22 20.84 -20.17
C VAL B 173 -9.75 19.55 -20.78
N GLY B 174 -10.56 19.70 -21.83
CA GLY B 174 -10.88 18.60 -22.72
C GLY B 174 -11.97 17.63 -22.33
N GLU B 175 -12.89 18.01 -21.44
CA GLU B 175 -13.96 17.06 -21.16
C GLU B 175 -14.93 16.94 -22.32
N GLU B 176 -15.12 18.00 -23.09
CA GLU B 176 -16.22 18.05 -24.06
C GLU B 176 -15.76 17.67 -25.47
N GLY B 177 -16.65 16.98 -26.18
CA GLY B 177 -16.49 16.75 -27.61
C GLY B 177 -15.21 16.02 -27.96
N SER B 178 -14.50 16.53 -28.98
CA SER B 178 -13.29 15.89 -29.43
C SER B 178 -12.12 16.10 -28.48
N GLY B 179 -12.28 16.90 -27.41
CA GLY B 179 -11.22 16.97 -26.41
C GLY B 179 -10.87 15.61 -25.87
N ASP B 180 -11.85 14.72 -25.78
CA ASP B 180 -11.63 13.31 -25.44
C ASP B 180 -10.79 13.14 -24.16
N LEU B 181 -11.07 13.95 -23.16
CA LEU B 181 -10.49 13.79 -21.81
C LEU B 181 -8.98 14.01 -21.82
N ARG B 182 -8.49 14.83 -22.76
CA ARG B 182 -7.04 15.01 -22.84
C ARG B 182 -6.46 15.59 -21.54
N GLY B 183 -7.22 16.43 -20.84
CA GLY B 183 -6.70 17.01 -19.62
C GLY B 183 -6.55 15.99 -18.51
N VAL B 184 -7.62 15.23 -18.22
CA VAL B 184 -7.47 14.27 -17.13
CA VAL B 184 -7.49 14.27 -17.14
C VAL B 184 -6.54 13.14 -17.54
N ARG B 185 -6.46 12.80 -18.83
CA ARG B 185 -5.47 11.81 -19.21
CA ARG B 185 -5.47 11.82 -19.25
C ARG B 185 -4.07 12.30 -18.86
N TYR B 186 -3.78 13.57 -19.11
CA TYR B 186 -2.46 14.10 -18.74
C TYR B 186 -2.27 14.09 -17.23
N LEU B 187 -3.28 14.57 -16.48
CA LEU B 187 -3.17 14.65 -15.01
C LEU B 187 -2.84 13.31 -14.42
N LEU B 188 -3.46 12.24 -14.94
CA LEU B 188 -3.41 10.96 -14.26
C LEU B 188 -2.42 10.01 -14.87
N THR B 189 -1.82 10.35 -16.00
CA THR B 189 -0.77 9.50 -16.56
C THR B 189 0.57 10.20 -16.77
N LYS B 190 0.63 11.54 -16.82
CA LYS B 190 1.90 12.22 -17.13
C LYS B 190 2.33 13.21 -16.07
N GLY B 191 1.38 13.87 -15.42
CA GLY B 191 1.66 15.02 -14.58
C GLY B 191 2.16 14.67 -13.20
N LYS B 192 2.40 15.73 -12.44
CA LYS B 192 3.03 15.66 -11.14
C LYS B 192 2.20 14.87 -10.12
N TYR B 193 0.89 14.76 -10.31
CA TYR B 193 0.03 14.07 -9.35
C TYR B 193 -0.34 12.67 -9.81
N LYS B 194 0.27 12.16 -10.89
CA LYS B 194 -0.18 10.89 -11.47
C LYS B 194 -0.12 9.74 -10.49
N ASP B 195 0.81 9.77 -9.52
CA ASP B 195 0.91 8.68 -8.56
C ASP B 195 0.24 8.99 -7.25
N ARG B 196 -0.31 10.17 -7.10
CA ARG B 196 -0.94 10.53 -5.85
C ARG B 196 -2.45 10.50 -5.85
N VAL B 197 -3.11 10.59 -7.01
CA VAL B 197 -4.57 10.64 -7.00
C VAL B 197 -5.12 9.26 -6.63
N LYS B 198 -5.71 9.13 -5.43
CA LYS B 198 -6.34 7.87 -5.08
C LYS B 198 -7.85 7.96 -4.99
N SER B 199 -8.40 9.17 -5.07
CA SER B 199 -9.84 9.41 -5.16
C SER B 199 -10.01 10.53 -6.17
N PHE B 200 -10.89 10.38 -7.14
CA PHE B 200 -11.07 11.40 -8.17
C PHE B 200 -12.54 11.81 -8.19
N PHE B 201 -12.82 13.11 -8.10
CA PHE B 201 -14.15 13.67 -8.33
C PHE B 201 -14.08 14.59 -9.51
N SER B 202 -15.10 14.52 -10.35
CA SER B 202 -15.36 15.58 -11.33
C SER B 202 -16.66 16.22 -10.90
N MET B 203 -16.69 17.54 -10.86
CA MET B 203 -17.93 18.27 -10.60
C MET B 203 -18.42 18.82 -11.94
N ASP B 204 -19.50 18.23 -12.45
CA ASP B 204 -19.95 18.50 -13.81
C ASP B 204 -21.48 18.63 -13.80
N GLY B 205 -21.99 19.78 -14.17
CA GLY B 205 -23.43 19.99 -14.15
C GLY B 205 -23.92 20.46 -12.79
N THR B 206 -25.21 20.82 -12.74
CA THR B 206 -25.75 21.47 -11.55
C THR B 206 -26.48 20.52 -10.60
N ASP B 207 -26.83 19.31 -11.02
CA ASP B 207 -27.66 18.45 -10.16
C ASP B 207 -26.85 17.88 -8.99
N ALA B 208 -27.05 18.44 -7.79
CA ALA B 208 -26.26 17.96 -6.65
C ALA B 208 -26.70 16.59 -6.12
N SER B 209 -27.76 16.01 -6.63
CA SER B 209 -28.09 14.63 -6.25
C SER B 209 -27.36 13.62 -7.14
N ARG B 210 -26.61 14.12 -8.10
CA ARG B 210 -25.98 13.32 -9.13
C ARG B 210 -24.88 12.46 -8.51
N ILE B 211 -24.86 11.18 -8.86
CA ILE B 211 -23.75 10.34 -8.45
C ILE B 211 -23.40 9.41 -9.60
N VAL B 212 -22.52 9.88 -10.49
CA VAL B 212 -22.15 9.12 -11.68
C VAL B 212 -21.04 8.17 -11.27
N THR B 213 -21.34 6.89 -11.24
CA THR B 213 -20.37 5.87 -10.86
C THR B 213 -19.96 5.01 -12.04
N GLY B 214 -20.52 5.26 -13.21
CA GLY B 214 -20.21 4.48 -14.38
C GLY B 214 -19.80 5.37 -15.54
N GLY B 215 -18.91 4.86 -16.37
CA GLY B 215 -18.46 5.59 -17.54
C GLY B 215 -18.78 4.85 -18.82
N VAL B 216 -19.59 5.46 -19.68
CA VAL B 216 -19.86 4.90 -21.00
C VAL B 216 -18.65 5.17 -21.89
N GLY B 217 -18.07 4.13 -22.42
CA GLY B 217 -16.94 4.29 -23.32
C GLY B 217 -17.40 4.44 -24.77
N SER B 218 -16.56 5.04 -25.64
CA SER B 218 -16.94 5.11 -27.05
C SER B 218 -15.70 5.05 -27.94
N LYS B 219 -15.84 4.38 -29.07
CA LYS B 219 -14.76 4.23 -30.03
C LYS B 219 -15.37 4.64 -31.35
N ARG B 220 -14.71 5.56 -32.05
CA ARG B 220 -15.24 6.10 -33.29
C ARG B 220 -14.18 6.04 -34.37
N TYR B 221 -14.59 5.61 -35.58
CA TYR B 221 -13.65 5.43 -36.67
C TYR B 221 -14.19 6.00 -37.96
N ARG B 222 -13.30 6.51 -38.81
CA ARG B 222 -13.61 6.70 -40.22
C ARG B 222 -12.84 5.62 -40.99
N ILE B 223 -13.56 4.86 -41.82
CA ILE B 223 -12.95 3.89 -42.71
C ILE B 223 -13.02 4.46 -44.13
N THR B 224 -11.85 4.66 -44.75
CA THR B 224 -11.76 5.13 -46.13
C THR B 224 -11.36 3.95 -47.01
N TYR B 225 -12.20 3.63 -47.97
CA TYR B 225 -11.98 2.52 -48.87
C TYR B 225 -11.52 3.09 -50.21
N LYS B 226 -10.44 2.54 -50.75
CA LYS B 226 -9.92 3.01 -52.03
C LYS B 226 -9.82 1.89 -53.04
N GLY B 227 -9.92 2.24 -54.31
CA GLY B 227 -9.75 1.27 -55.38
C GLY B 227 -9.20 1.98 -56.60
N PRO B 228 -9.01 1.25 -57.69
CA PRO B 228 -8.43 1.85 -58.90
C PRO B 228 -9.37 2.81 -59.63
N GLY B 229 -10.70 2.74 -59.45
CA GLY B 229 -11.58 3.57 -60.29
C GLY B 229 -11.66 2.98 -61.70
N GLY B 230 -12.25 3.72 -62.60
CA GLY B 230 -12.45 3.21 -63.94
C GLY B 230 -13.77 3.70 -64.50
N HIS B 231 -13.91 3.58 -65.82
CA HIS B 231 -15.17 3.93 -66.47
C HIS B 231 -16.25 2.92 -66.11
N SER B 232 -17.43 3.41 -65.72
CA SER B 232 -18.44 2.51 -65.19
C SER B 232 -18.99 1.59 -66.26
N TYR B 233 -18.84 1.93 -67.55
CA TYR B 233 -19.20 0.99 -68.61
C TYR B 233 -17.98 0.23 -69.11
N GLY B 234 -16.95 0.97 -69.50
CA GLY B 234 -15.77 0.35 -70.10
C GLY B 234 -15.03 -0.58 -69.15
N ALA B 235 -15.01 -0.27 -67.86
CA ALA B 235 -14.28 -1.08 -66.90
C ALA B 235 -15.21 -1.85 -65.95
N PHE B 236 -16.47 -2.02 -66.33
CA PHE B 236 -17.38 -2.81 -65.52
C PHE B 236 -16.77 -4.17 -65.25
N GLY B 237 -16.80 -4.58 -64.00
CA GLY B 237 -16.19 -5.82 -63.57
C GLY B 237 -15.02 -5.63 -62.61
N LEU B 238 -14.41 -4.44 -62.58
CA LEU B 238 -13.41 -4.10 -61.56
C LEU B 238 -14.05 -3.99 -60.17
N VAL B 239 -13.22 -4.16 -59.15
CA VAL B 239 -13.65 -3.95 -57.77
C VAL B 239 -14.14 -2.54 -57.57
N ASN B 240 -15.07 -2.37 -56.63
CA ASN B 240 -15.65 -1.08 -56.31
C ASN B 240 -15.60 -0.90 -54.79
N PRO B 241 -14.88 0.10 -54.28
CA PRO B 241 -14.80 0.25 -52.84
C PRO B 241 -16.14 0.58 -52.21
N MET B 242 -17.11 1.11 -52.98
CA MET B 242 -18.46 1.33 -52.44
C MET B 242 -19.05 0.03 -51.93
N VAL B 243 -18.78 -1.06 -52.63
CA VAL B 243 -19.37 -2.34 -52.24
C VAL B 243 -18.70 -2.88 -50.98
N ALA B 244 -17.35 -2.80 -50.89
CA ALA B 244 -16.72 -3.22 -49.64
C ALA B 244 -17.25 -2.42 -48.46
N MET B 245 -17.48 -1.13 -48.66
CA MET B 245 -18.00 -0.29 -47.58
C MET B 245 -19.44 -0.71 -47.21
N SER B 246 -20.27 -0.94 -48.22
CA SER B 246 -21.67 -1.31 -47.96
C SER B 246 -21.73 -2.66 -47.24
N GLN B 247 -20.90 -3.62 -47.67
CA GLN B 247 -20.82 -4.90 -46.98
C GLN B 247 -20.41 -4.72 -45.53
N THR B 248 -19.45 -3.82 -45.24
CA THR B 248 -19.06 -3.56 -43.85
C THR B 248 -20.28 -3.20 -43.02
N VAL B 249 -21.10 -2.26 -43.53
CA VAL B 249 -22.27 -1.81 -42.78
C VAL B 249 -23.24 -2.98 -42.54
N VAL B 250 -23.44 -3.81 -43.56
CA VAL B 250 -24.41 -4.92 -43.43
C VAL B 250 -23.97 -5.87 -42.30
N ASP B 251 -22.68 -6.23 -42.28
CA ASP B 251 -22.23 -7.13 -41.22
C ASP B 251 -22.10 -6.42 -39.88
N PHE B 252 -21.78 -5.13 -39.88
CA PHE B 252 -21.71 -4.37 -38.64
C PHE B 252 -23.04 -4.44 -37.90
N TYR B 253 -24.14 -4.38 -38.64
CA TYR B 253 -25.44 -4.41 -37.97
C TYR B 253 -25.91 -5.81 -37.64
N LYS B 254 -25.07 -6.82 -37.85
CA LYS B 254 -25.33 -8.15 -37.29
C LYS B 254 -24.49 -8.44 -36.05
N ILE B 255 -23.69 -7.49 -35.58
CA ILE B 255 -22.94 -7.71 -34.33
C ILE B 255 -23.93 -7.77 -33.17
N PRO B 256 -23.87 -8.80 -32.34
CA PRO B 256 -24.76 -8.84 -31.16
C PRO B 256 -24.44 -7.71 -30.18
N ALA B 257 -25.48 -7.11 -29.63
CA ALA B 257 -25.31 -5.97 -28.71
C ALA B 257 -26.24 -6.21 -27.55
N PRO B 258 -25.75 -6.51 -26.35
CA PRO B 258 -26.68 -6.76 -25.23
C PRO B 258 -27.43 -5.53 -24.78
N ALA B 259 -28.62 -5.78 -24.22
CA ALA B 259 -29.35 -4.69 -23.60
C ALA B 259 -28.69 -4.26 -22.33
N LYS B 260 -28.10 -5.18 -21.59
CA LYS B 260 -27.37 -4.78 -20.35
C LYS B 260 -26.13 -5.65 -20.27
N PRO B 261 -24.93 -5.06 -20.09
CA PRO B 261 -24.57 -3.64 -20.09
C PRO B 261 -24.97 -3.02 -21.42
N LYS B 262 -25.52 -1.84 -21.38
CA LYS B 262 -25.98 -1.21 -22.62
C LYS B 262 -24.82 -1.04 -23.60
N THR B 263 -25.01 -1.51 -24.83
CA THR B 263 -23.93 -1.54 -25.83
C THR B 263 -24.58 -1.14 -27.14
N THR B 264 -23.97 -0.22 -27.88
CA THR B 264 -24.60 0.37 -29.05
C THR B 264 -23.57 0.58 -30.15
N TYR B 265 -24.09 0.81 -31.36
CA TYR B 265 -23.19 1.19 -32.46
C TYR B 265 -24.04 1.86 -33.54
N ALA B 266 -23.37 2.52 -34.48
CA ALA B 266 -24.09 3.17 -35.57
C ALA B 266 -23.15 3.41 -36.72
N ALA B 267 -23.71 3.29 -37.94
CA ALA B 267 -23.05 3.74 -39.18
C ALA B 267 -23.69 5.08 -39.52
N SER B 268 -22.93 6.14 -39.44
CA SER B 268 -23.51 7.44 -39.23
C SER B 268 -23.25 8.48 -40.31
N VAL B 269 -22.11 8.44 -41.01
CA VAL B 269 -21.76 9.46 -42.01
C VAL B 269 -21.03 8.80 -43.18
N THR B 270 -21.34 9.22 -44.40
CA THR B 270 -20.74 8.57 -45.57
C THR B 270 -20.51 9.60 -46.67
N GLY B 271 -19.61 9.30 -47.58
CA GLY B 271 -19.34 10.18 -48.71
C GLY B 271 -18.47 9.47 -49.73
N GLY B 272 -18.42 10.05 -50.92
CA GLY B 272 -17.49 9.53 -51.90
C GLY B 272 -18.08 9.32 -53.26
N GLY B 273 -17.20 9.24 -54.25
CA GLY B 273 -17.63 9.12 -55.64
C GLY B 273 -17.79 10.48 -56.30
N THR B 274 -17.67 10.48 -57.62
CA THR B 274 -17.77 11.71 -58.40
C THR B 274 -18.95 11.73 -59.35
N SER B 275 -19.22 10.65 -60.10
CA SER B 275 -20.40 10.63 -60.95
C SER B 275 -20.70 9.21 -61.35
N VAL B 276 -21.91 9.02 -61.89
CA VAL B 276 -22.35 7.71 -62.39
C VAL B 276 -21.57 7.27 -63.64
N ASN B 277 -20.69 8.13 -64.17
CA ASN B 277 -19.82 7.65 -65.24
C ASN B 277 -18.59 6.90 -64.76
N SER B 278 -18.35 6.79 -63.46
CA SER B 278 -17.09 6.22 -63.03
CA SER B 278 -17.07 6.27 -62.98
C SER B 278 -17.32 5.32 -61.83
N ILE B 279 -16.56 4.23 -61.78
CA ILE B 279 -16.49 3.43 -60.56
C ILE B 279 -15.72 4.24 -59.52
N PRO B 280 -16.23 4.42 -58.31
CA PRO B 280 -15.54 5.26 -57.33
C PRO B 280 -14.15 4.74 -57.04
N ASN B 281 -13.21 5.66 -56.78
CA ASN B 281 -11.91 5.23 -56.33
C ASN B 281 -11.67 5.56 -54.86
N GLU B 282 -12.59 6.26 -54.19
CA GLU B 282 -12.38 6.55 -52.77
C GLU B 282 -13.73 6.89 -52.13
N VAL B 283 -14.09 6.19 -51.05
CA VAL B 283 -15.37 6.40 -50.37
C VAL B 283 -15.10 6.24 -48.88
N TYR B 284 -16.01 6.75 -48.04
CA TYR B 284 -15.76 6.57 -46.62
C TYR B 284 -17.06 6.42 -45.83
N MET B 285 -16.94 5.78 -44.66
CA MET B 285 -18.03 5.60 -43.71
C MET B 285 -17.49 5.86 -42.30
N GLU B 286 -18.23 6.60 -41.48
CA GLU B 286 -17.90 6.81 -40.08
C GLU B 286 -18.80 5.99 -39.18
N PHE B 287 -18.19 5.38 -38.15
CA PHE B 287 -18.86 4.42 -37.28
C PHE B 287 -18.71 4.83 -35.82
N ASP B 288 -19.77 4.64 -35.04
CA ASP B 288 -19.80 4.84 -33.59
C ASP B 288 -19.96 3.47 -32.92
N MET B 289 -19.32 3.30 -31.76
CA MET B 289 -19.53 2.12 -30.92
C MET B 289 -19.40 2.56 -29.48
N ARG B 290 -20.32 2.12 -28.61
CA ARG B 290 -20.28 2.57 -27.23
C ARG B 290 -20.72 1.43 -26.34
N SER B 291 -20.26 1.48 -25.09
CA SER B 291 -20.80 0.52 -24.11
C SER B 291 -20.54 1.02 -22.69
N GLU B 292 -21.45 0.64 -21.79
CA GLU B 292 -21.20 0.73 -20.35
C GLU B 292 -20.03 -0.15 -19.92
N SER B 293 -19.75 -1.20 -20.66
CA SER B 293 -18.79 -2.23 -20.24
C SER B 293 -17.51 -2.17 -21.08
N PRO B 294 -16.33 -2.06 -20.46
CA PRO B 294 -15.09 -2.12 -21.27
C PRO B 294 -15.00 -3.42 -22.04
N ALA B 295 -15.44 -4.54 -21.44
CA ALA B 295 -15.31 -5.81 -22.15
C ALA B 295 -16.23 -5.86 -23.37
N GLU B 296 -17.50 -5.43 -23.23
CA GLU B 296 -18.38 -5.40 -24.39
C GLU B 296 -17.89 -4.44 -25.46
N LEU B 297 -17.34 -3.29 -25.04
CA LEU B 297 -16.91 -2.31 -26.04
C LEU B 297 -15.74 -2.88 -26.86
N ALA B 298 -14.79 -3.52 -26.17
CA ALA B 298 -13.64 -4.12 -26.85
C ALA B 298 -14.11 -5.22 -27.79
N LYS B 299 -15.11 -5.99 -27.37
CA LYS B 299 -15.64 -7.03 -28.24
C LYS B 299 -16.24 -6.46 -29.52
N VAL B 300 -17.05 -5.41 -29.42
CA VAL B 300 -17.61 -4.79 -30.63
C VAL B 300 -16.49 -4.21 -31.48
N GLU B 301 -15.56 -3.51 -30.83
CA GLU B 301 -14.48 -2.88 -31.59
C GLU B 301 -13.66 -3.94 -32.35
N GLN B 302 -13.32 -5.06 -31.70
CA GLN B 302 -12.59 -6.09 -32.43
C GLN B 302 -13.42 -6.72 -33.54
N ALA B 303 -14.74 -6.93 -33.30
CA ALA B 303 -15.57 -7.49 -34.37
C ALA B 303 -15.65 -6.55 -35.55
N PHE B 304 -15.76 -5.27 -35.27
CA PHE B 304 -15.83 -4.27 -36.32
C PHE B 304 -14.56 -4.29 -37.17
N LEU B 305 -13.41 -4.25 -36.52
CA LEU B 305 -12.15 -4.21 -37.27
C LEU B 305 -11.98 -5.46 -38.12
N ALA B 306 -12.39 -6.61 -37.61
CA ALA B 306 -12.35 -7.83 -38.41
C ALA B 306 -13.32 -7.75 -39.59
N ILE B 307 -14.49 -7.17 -39.39
CA ILE B 307 -15.44 -7.01 -40.51
C ILE B 307 -14.84 -6.11 -41.61
N VAL B 308 -14.19 -5.01 -41.21
CA VAL B 308 -13.60 -4.14 -42.24
C VAL B 308 -12.64 -4.96 -43.11
N GLN B 309 -11.76 -5.72 -42.46
CA GLN B 309 -10.78 -6.49 -43.21
C GLN B 309 -11.45 -7.56 -44.06
N LYS B 310 -12.44 -8.26 -43.50
CA LYS B 310 -13.13 -9.30 -44.29
C LYS B 310 -13.92 -8.70 -45.47
N SER B 311 -14.46 -7.49 -45.31
CA SER B 311 -15.23 -6.90 -46.41
C SER B 311 -14.33 -6.50 -47.56
N VAL B 312 -13.14 -5.99 -47.25
CA VAL B 312 -12.14 -5.72 -48.26
C VAL B 312 -11.72 -7.01 -48.98
N GLU B 313 -11.40 -8.06 -48.20
CA GLU B 313 -11.03 -9.33 -48.83
C GLU B 313 -12.16 -9.85 -49.73
N GLY B 314 -13.39 -9.73 -49.26
CA GLY B 314 -14.52 -10.25 -50.03
C GLY B 314 -14.72 -9.52 -51.34
N GLU B 315 -14.51 -8.21 -51.34
CA GLU B 315 -14.64 -7.46 -52.59
C GLU B 315 -13.53 -7.86 -53.56
N ASN B 316 -12.30 -8.00 -53.04
CA ASN B 316 -11.17 -8.41 -53.89
C ASN B 316 -11.34 -9.84 -54.42
N ALA B 317 -12.21 -10.64 -53.82
CA ALA B 317 -12.51 -11.96 -54.34
C ALA B 317 -13.66 -11.93 -55.35
N ALA B 318 -14.60 -10.99 -55.20
CA ALA B 318 -15.82 -10.99 -56.00
C ALA B 318 -15.63 -10.37 -57.36
N ARG B 319 -14.73 -9.39 -57.49
CA ARG B 319 -14.55 -8.63 -58.71
C ARG B 319 -13.07 -8.55 -59.03
N SER B 320 -12.74 -7.90 -60.15
CA SER B 320 -11.38 -8.01 -60.69
C SER B 320 -10.42 -7.02 -60.02
N VAL B 321 -9.27 -7.54 -59.61
CA VAL B 321 -8.22 -6.71 -59.05
C VAL B 321 -7.13 -6.45 -60.10
N LYS B 322 -7.44 -6.65 -61.38
CA LYS B 322 -6.44 -6.51 -62.45
C LYS B 322 -5.86 -5.12 -62.52
N GLU B 323 -6.63 -4.10 -62.13
CA GLU B 323 -6.09 -2.73 -62.06
C GLU B 323 -5.69 -2.34 -60.66
N GLY B 324 -5.63 -3.29 -59.72
CA GLY B 324 -5.32 -2.91 -58.36
C GLY B 324 -6.47 -3.31 -57.44
N PRO B 325 -6.15 -3.62 -56.19
CA PRO B 325 -7.16 -4.08 -55.23
C PRO B 325 -7.85 -2.94 -54.47
N ILE B 326 -8.95 -3.30 -53.80
CA ILE B 326 -9.48 -2.44 -52.75
C ILE B 326 -8.55 -2.45 -51.56
N THR B 327 -8.33 -1.28 -50.96
CA THR B 327 -7.64 -1.17 -49.67
C THR B 327 -8.51 -0.34 -48.74
N ALA B 328 -8.28 -0.48 -47.43
CA ALA B 328 -9.02 0.33 -46.46
C ALA B 328 -8.04 1.02 -45.53
N ASP B 329 -8.27 2.31 -45.26
CA ASP B 329 -7.53 3.02 -44.23
C ASP B 329 -8.41 3.18 -42.99
N VAL B 330 -7.91 2.74 -41.85
CA VAL B 330 -8.68 2.76 -40.60
C VAL B 330 -8.16 3.91 -39.77
N LYS B 331 -9.01 4.90 -39.51
CA LYS B 331 -8.59 6.09 -38.77
C LYS B 331 -9.48 6.27 -37.56
N MET B 332 -8.89 6.24 -36.37
CA MET B 332 -9.70 6.48 -35.18
C MET B 332 -9.99 7.96 -35.05
N ILE B 333 -11.25 8.33 -34.86
CA ILE B 333 -11.65 9.72 -34.78
C ILE B 333 -12.26 10.08 -33.42
N GLY B 334 -12.29 9.15 -32.47
CA GLY B 334 -12.79 9.47 -31.15
C GLY B 334 -12.56 8.29 -30.23
N ASP B 335 -12.22 8.55 -28.97
CA ASP B 335 -11.80 7.45 -28.11
C ASP B 335 -12.03 7.87 -26.68
N ARG B 336 -12.94 7.19 -25.96
CA ARG B 336 -13.14 7.43 -24.52
C ARG B 336 -13.29 6.05 -23.89
N PRO B 337 -12.58 5.76 -22.81
CA PRO B 337 -12.69 4.42 -22.19
C PRO B 337 -14.00 4.27 -21.41
N ALA B 338 -14.42 3.02 -21.27
CA ALA B 338 -15.53 2.65 -20.38
C ALA B 338 -14.98 2.23 -19.03
N GLY B 339 -15.81 2.28 -18.00
CA GLY B 339 -15.36 1.80 -16.70
C GLY B 339 -16.47 1.99 -15.70
N GLU B 340 -16.17 1.65 -14.44
CA GLU B 340 -17.18 1.83 -13.39
C GLU B 340 -16.48 1.79 -12.05
N THR B 341 -16.95 2.58 -11.11
CA THR B 341 -16.50 2.49 -9.71
C THR B 341 -17.53 1.66 -8.94
N ALA B 342 -17.08 0.55 -8.34
CA ALA B 342 -18.03 -0.35 -7.67
C ALA B 342 -18.78 0.36 -6.56
N ALA B 343 -20.06 -0.01 -6.36
CA ALA B 343 -20.87 0.69 -5.34
C ALA B 343 -20.34 0.48 -3.92
N THR B 344 -19.55 -0.56 -3.68
CA THR B 344 -18.96 -0.77 -2.37
C THR B 344 -17.70 0.06 -2.12
N GLN B 345 -17.18 0.76 -3.13
CA GLN B 345 -16.00 1.61 -2.90
C GLN B 345 -16.32 2.74 -1.94
N GLN B 346 -15.35 3.07 -1.07
CA GLN B 346 -15.60 4.07 -0.05
C GLN B 346 -15.99 5.41 -0.65
N ILE B 347 -15.42 5.77 -1.82
CA ILE B 347 -15.73 7.09 -2.37
C ILE B 347 -17.22 7.17 -2.71
N VAL B 348 -17.80 6.06 -3.19
CA VAL B 348 -19.22 6.03 -3.52
C VAL B 348 -20.05 6.01 -2.25
N ARG B 349 -19.57 5.25 -1.28
CA ARG B 349 -20.23 5.24 0.03
CA ARG B 349 -20.28 5.25 0.00
C ARG B 349 -20.30 6.64 0.63
N ASN B 350 -19.21 7.42 0.48
CA ASN B 350 -19.18 8.80 0.99
C ASN B 350 -20.18 9.68 0.26
N ALA B 351 -20.15 9.65 -1.06
CA ALA B 351 -21.07 10.48 -1.83
C ALA B 351 -22.50 10.10 -1.51
N ASP B 352 -22.79 8.81 -1.52
CA ASP B 352 -24.14 8.34 -1.18
C ASP B 352 -24.60 8.86 0.19
N ALA B 353 -23.76 8.68 1.21
CA ALA B 353 -24.15 9.05 2.58
C ALA B 353 -24.38 10.55 2.72
N VAL B 354 -23.50 11.38 2.15
CA VAL B 354 -23.68 12.83 2.27
C VAL B 354 -24.93 13.28 1.52
N ILE B 355 -25.16 12.76 0.32
CA ILE B 355 -26.29 13.20 -0.47
C ILE B 355 -27.58 12.81 0.23
N ARG B 356 -27.59 11.61 0.83
CA ARG B 356 -28.76 11.21 1.64
C ARG B 356 -28.97 12.14 2.83
N ALA B 357 -27.91 12.36 3.61
CA ALA B 357 -27.96 13.22 4.79
C ALA B 357 -28.42 14.63 4.46
N LYS B 358 -28.21 15.07 3.22
CA LYS B 358 -28.70 16.36 2.74
C LYS B 358 -30.13 16.30 2.28
N GLY B 359 -30.80 15.17 2.45
CA GLY B 359 -32.19 15.09 2.09
C GLY B 359 -32.45 14.94 0.62
N LEU B 360 -31.47 14.50 -0.14
CA LEU B 360 -31.63 14.24 -1.56
C LEU B 360 -31.57 12.73 -1.77
N ASP B 361 -31.87 12.31 -2.99
CA ASP B 361 -31.92 10.88 -3.33
C ASP B 361 -30.79 10.52 -4.29
N PRO B 362 -29.73 9.87 -3.83
CA PRO B 362 -28.61 9.51 -4.73
C PRO B 362 -29.00 8.29 -5.56
N ARG B 363 -28.98 8.43 -6.87
CA ARG B 363 -29.30 7.29 -7.74
C ARG B 363 -28.10 7.08 -8.68
N PRO B 364 -27.28 6.08 -8.44
CA PRO B 364 -26.03 5.96 -9.22
C PRO B 364 -26.33 5.80 -10.69
N SER B 365 -25.51 6.40 -11.55
CA SER B 365 -25.82 6.36 -12.97
C SER B 365 -24.54 6.23 -13.79
N PHE B 366 -24.73 5.89 -15.06
CA PHE B 366 -23.67 5.90 -16.08
C PHE B 366 -23.76 7.18 -16.88
N SER B 367 -22.61 7.71 -17.22
CA SER B 367 -22.57 8.85 -18.14
C SER B 367 -21.20 8.82 -18.83
N SER B 368 -20.95 9.82 -19.65
CA SER B 368 -19.61 9.94 -20.24
C SER B 368 -19.04 11.26 -19.71
N THR B 369 -18.11 11.20 -18.76
CA THR B 369 -17.63 12.37 -18.03
C THR B 369 -16.11 12.26 -17.87
N ASP B 370 -15.50 13.26 -17.23
CA ASP B 370 -14.04 13.17 -16.97
C ASP B 370 -13.69 11.97 -16.09
N SER B 371 -14.64 11.50 -15.26
CA SER B 371 -14.33 10.34 -14.39
C SER B 371 -14.03 9.06 -15.17
N ASN B 372 -14.50 8.96 -16.42
CA ASN B 372 -14.20 7.76 -17.22
C ASN B 372 -12.70 7.48 -17.24
N MET B 373 -11.88 8.52 -17.31
CA MET B 373 -10.42 8.29 -17.36
C MET B 373 -9.91 7.64 -16.08
N ALA B 374 -10.23 8.23 -14.92
CA ALA B 374 -9.87 7.60 -13.65
C ALA B 374 -10.39 6.18 -13.53
N MET B 375 -11.67 5.96 -13.86
CA MET B 375 -12.20 4.60 -13.82
C MET B 375 -11.34 3.66 -14.63
N SER B 376 -10.94 4.07 -15.85
CA SER B 376 -10.19 3.17 -16.73
C SER B 376 -8.81 2.82 -16.15
N LEU B 377 -8.32 3.61 -15.18
CA LEU B 377 -7.05 3.32 -14.54
C LEU B 377 -7.23 2.58 -13.23
N GLY B 378 -8.46 2.24 -12.89
CA GLY B 378 -8.71 1.63 -11.60
C GLY B 378 -8.62 2.59 -10.44
N ILE B 379 -8.77 3.90 -10.67
CA ILE B 379 -8.80 4.88 -9.60
C ILE B 379 -10.25 5.10 -9.20
N PRO B 380 -10.61 4.94 -7.91
CA PRO B 380 -12.02 5.22 -7.49
C PRO B 380 -12.44 6.65 -7.83
N ALA B 381 -13.61 6.77 -8.43
CA ALA B 381 -13.96 8.02 -9.11
C ALA B 381 -15.47 8.17 -9.19
N VAL B 382 -15.95 9.39 -8.99
CA VAL B 382 -17.39 9.72 -9.05
C VAL B 382 -17.54 11.08 -9.71
N THR B 383 -18.56 11.28 -10.51
CA THR B 383 -18.87 12.62 -10.99
C THR B 383 -20.10 13.14 -10.23
N ILE B 384 -19.99 14.37 -9.71
CA ILE B 384 -20.99 14.96 -8.83
C ILE B 384 -21.44 16.30 -9.41
N GLY B 385 -22.47 16.90 -8.80
CA GLY B 385 -23.03 18.15 -9.31
C GLY B 385 -22.76 19.35 -8.42
N SER B 386 -22.90 20.56 -8.96
CA SER B 386 -22.53 21.81 -8.27
C SER B 386 -23.67 22.43 -7.47
N GLY B 387 -24.90 21.97 -7.65
CA GLY B 387 -25.99 22.51 -6.85
C GLY B 387 -26.87 23.50 -7.60
N GLY B 388 -28.06 23.69 -7.07
CA GLY B 388 -28.98 24.61 -7.70
C GLY B 388 -29.73 23.97 -8.85
N ILE B 389 -30.38 24.85 -9.60
CA ILE B 389 -31.25 24.52 -10.74
C ILE B 389 -30.53 24.97 -12.00
N GLY B 390 -30.63 24.19 -13.06
CA GLY B 390 -30.12 24.65 -14.35
C GLY B 390 -30.82 23.87 -15.43
N ALA B 391 -30.71 24.34 -16.66
CA ALA B 391 -31.37 23.64 -17.75
C ALA B 391 -30.76 24.02 -19.08
N ARG B 392 -31.08 23.20 -20.08
CA ARG B 392 -30.65 23.45 -21.47
C ARG B 392 -29.15 23.47 -21.61
N ALA B 393 -28.43 22.67 -20.81
CA ALA B 393 -26.99 22.53 -21.01
C ALA B 393 -26.67 22.05 -22.41
N HIS B 394 -25.58 22.57 -22.97
CA HIS B 394 -25.11 22.33 -24.33
C HIS B 394 -25.97 23.02 -25.41
N SER B 395 -26.96 23.83 -25.03
CA SER B 395 -27.75 24.62 -25.98
C SER B 395 -27.46 26.10 -25.79
N LEU B 396 -27.71 26.86 -26.87
CA LEU B 396 -27.45 28.30 -26.84
C LEU B 396 -28.29 29.03 -25.81
N ASP B 397 -29.40 28.44 -25.37
CA ASP B 397 -30.25 29.07 -24.35
C ASP B 397 -30.05 28.46 -22.97
N GLU B 398 -28.88 27.89 -22.71
CA GLU B 398 -28.55 27.37 -21.40
C GLU B 398 -28.74 28.44 -20.31
N TRP B 399 -29.19 28.03 -19.12
CA TRP B 399 -29.32 28.95 -18.01
C TRP B 399 -29.15 28.20 -16.69
N ILE B 400 -28.86 28.97 -15.64
CA ILE B 400 -28.86 28.50 -14.25
C ILE B 400 -29.69 29.46 -13.42
N ASP B 401 -30.18 28.98 -12.30
CA ASP B 401 -30.86 29.81 -11.30
C ASP B 401 -29.91 29.96 -10.12
N VAL B 402 -29.56 31.19 -9.78
CA VAL B 402 -28.65 31.45 -8.65
C VAL B 402 -29.40 31.99 -7.44
N LYS B 403 -30.73 31.79 -7.36
CA LYS B 403 -31.47 32.12 -6.15
C LYS B 403 -30.79 31.45 -4.97
N LYS B 404 -30.50 32.21 -3.92
CA LYS B 404 -29.49 31.79 -2.94
C LYS B 404 -29.86 30.51 -2.21
N THR B 405 -31.10 30.41 -1.73
CA THR B 405 -31.44 29.28 -0.87
C THR B 405 -31.04 27.93 -1.49
N LYS B 406 -31.49 27.66 -2.72
CA LYS B 406 -31.20 26.36 -3.33
C LYS B 406 -29.77 26.30 -3.89
N SER B 407 -29.29 27.41 -4.46
CA SER B 407 -27.92 27.45 -4.98
C SER B 407 -26.90 27.19 -3.88
N LEU B 408 -27.07 27.83 -2.74
CA LEU B 408 -26.14 27.63 -1.63
C LEU B 408 -26.28 26.22 -1.08
N GLU B 409 -27.51 25.78 -0.83
CA GLU B 409 -27.68 24.46 -0.25
C GLU B 409 -27.10 23.38 -1.18
N GLY B 410 -27.33 23.51 -2.48
CA GLY B 410 -26.77 22.55 -3.43
C GLY B 410 -25.25 22.58 -3.42
N ALA B 411 -24.66 23.76 -3.32
CA ALA B 411 -23.20 23.84 -3.30
C ALA B 411 -22.61 23.21 -2.05
N THR B 412 -23.36 23.17 -0.94
CA THR B 412 -22.80 22.55 0.28
C THR B 412 -22.69 21.03 0.16
N VAL B 413 -23.36 20.41 -0.80
CA VAL B 413 -23.33 18.96 -0.94
C VAL B 413 -21.92 18.48 -1.32
N GLY B 414 -21.39 19.02 -2.42
CA GLY B 414 -20.06 18.61 -2.85
C GLY B 414 -18.97 18.86 -1.82
N LEU B 415 -19.10 19.93 -1.04
CA LEU B 415 -18.13 20.21 0.01
C LEU B 415 -18.12 19.08 1.03
N GLY B 416 -19.30 18.59 1.43
CA GLY B 416 -19.34 17.52 2.39
C GLY B 416 -18.73 16.23 1.84
N ILE B 417 -19.07 15.89 0.59
CA ILE B 417 -18.50 14.70 -0.05
C ILE B 417 -16.99 14.83 -0.08
N LEU B 418 -16.51 16.00 -0.47
CA LEU B 418 -15.05 16.18 -0.61
C LEU B 418 -14.36 16.02 0.75
N LEU B 419 -14.87 16.67 1.80
CA LEU B 419 -14.22 16.61 3.12
C LEU B 419 -14.35 15.22 3.75
N ALA B 420 -15.49 14.55 3.54
CA ALA B 420 -15.60 13.18 4.00
C ALA B 420 -14.52 12.31 3.39
N THR B 421 -14.20 12.58 2.13
CA THR B 421 -13.28 11.72 1.43
C THR B 421 -11.84 12.06 1.78
N ALA B 422 -11.50 13.35 1.89
CA ALA B 422 -10.12 13.69 2.27
C ALA B 422 -9.84 13.38 3.74
N GLY B 423 -10.89 13.38 4.56
CA GLY B 423 -10.78 13.21 6.00
C GLY B 423 -10.52 14.53 6.69
N THR B 424 -11.15 14.85 7.82
CA THR B 424 -10.79 16.10 8.50
C THR B 424 -10.35 15.82 9.94
N GLN B 425 -9.58 16.74 10.50
CA GLN B 425 -9.10 16.62 11.87
C GLN B 425 -9.80 17.66 12.71
#